data_2PKH
#
_entry.id   2PKH
#
_cell.length_a   100.845
_cell.length_b   100.955
_cell.length_c   130.187
_cell.angle_alpha   90.00
_cell.angle_beta   90.00
_cell.angle_gamma   90.00
#
_symmetry.space_group_name_H-M   'P 21 21 21'
#
loop_
_entity.id
_entity.type
_entity.pdbx_description
1 polymer 'Histidine utilization repressor'
2 non-polymer 1,2-ETHANEDIOL
3 water water
#
_entity_poly.entity_id   1
_entity_poly.type   'polypeptide(L)'
_entity_poly.pdbx_seq_one_letter_code
;SNAARGHRHTCKV(MSE)VLKEEAAGSERALALD(MSE)REGQRVFHSLIVHFENDIPVQIEDRFVNAQVAPDYLKQDFT
LQTPYAYLSQVAPLTEGEHVVEAILAEADECKLLQIDAGEPCLLIRRRTWSGRQPVTAARLIHPGSRHRLEGRFTK
;
_entity_poly.pdbx_strand_id   A,B,C,D,E,F,G,H
#
loop_
_chem_comp.id
_chem_comp.type
_chem_comp.name
_chem_comp.formula
EDO non-polymer 1,2-ETHANEDIOL 'C2 H6 O2'
#
# COMPACT_ATOMS: atom_id res chain seq x y z
N ARG A 8 29.92 28.61 10.82
CA ARG A 8 28.61 29.27 10.63
C ARG A 8 27.79 28.48 9.61
N HIS A 9 26.55 28.17 10.00
CA HIS A 9 25.55 27.66 9.07
C HIS A 9 24.95 28.84 8.32
N THR A 10 24.93 28.72 6.99
CA THR A 10 24.17 29.61 6.13
C THR A 10 23.35 28.74 5.15
N CYS A 11 22.39 29.36 4.48
CA CYS A 11 21.64 28.68 3.43
C CYS A 11 21.24 29.67 2.35
N LYS A 12 20.92 29.15 1.16
CA LYS A 12 20.49 29.97 0.01
C LYS A 12 19.33 29.25 -0.60
N VAL A 13 18.19 29.94 -0.72
CA VAL A 13 17.02 29.44 -1.43
C VAL A 13 17.27 29.61 -2.95
N MSE A 14 17.47 28.49 -3.64
CA MSE A 14 17.83 28.51 -5.04
C MSE A 14 16.60 28.48 -5.93
O MSE A 14 16.57 29.11 -6.99
CB MSE A 14 18.72 27.34 -5.40
CG MSE A 14 19.99 27.30 -4.66
SE MSE A 14 21.20 28.79 -5.13
CE MSE A 14 21.39 28.66 -7.04
N VAL A 15 15.57 27.77 -5.49
CA VAL A 15 14.34 27.77 -6.27
C VAL A 15 13.16 27.85 -5.31
N LEU A 16 12.11 28.58 -5.68
CA LEU A 16 10.87 28.66 -4.91
C LEU A 16 9.79 29.05 -5.93
N LYS A 17 9.12 28.04 -6.49
CA LYS A 17 8.18 28.27 -7.56
C LYS A 17 7.09 27.25 -7.54
N GLU A 18 6.01 27.61 -8.22
CA GLU A 18 4.91 26.66 -8.57
C GLU A 18 5.20 25.88 -9.84
N GLU A 19 4.89 24.59 -9.86
CA GLU A 19 5.03 23.85 -11.10
C GLU A 19 3.95 22.75 -11.15
N ALA A 20 3.83 21.98 -12.27
CA ALA A 20 2.90 20.82 -12.33
C ALA A 20 3.58 19.64 -11.61
N ALA A 21 2.82 18.70 -11.02
CA ALA A 21 3.44 17.61 -10.29
C ALA A 21 4.31 16.83 -11.25
N GLY A 22 3.80 16.64 -12.47
CA GLY A 22 4.44 15.68 -13.42
C GLY A 22 4.46 14.25 -12.94
N SER A 23 5.21 13.40 -13.64
CA SER A 23 5.10 11.99 -13.38
C SER A 23 5.76 11.61 -12.08
N GLU A 24 6.86 12.29 -11.66
CA GLU A 24 7.58 11.80 -10.44
C GLU A 24 6.83 12.23 -9.17
N ARG A 25 6.47 13.50 -9.09
CA ARG A 25 5.65 13.91 -7.96
C ARG A 25 4.28 13.26 -8.00
N ALA A 26 3.75 12.90 -9.17
CA ALA A 26 2.48 12.16 -9.13
C ALA A 26 2.67 10.88 -8.30
N LEU A 27 3.82 10.21 -8.44
CA LEU A 27 4.04 8.95 -7.74
C LEU A 27 4.40 9.20 -6.28
N ALA A 28 5.27 10.16 -6.03
CA ALA A 28 5.67 10.50 -4.64
C ALA A 28 4.49 10.94 -3.78
N LEU A 29 3.62 11.79 -4.34
CA LEU A 29 2.58 12.43 -3.51
C LEU A 29 1.15 11.98 -3.79
N ASP A 30 1.01 10.90 -4.55
CA ASP A 30 -0.30 10.37 -4.96
C ASP A 30 -1.21 11.46 -5.52
N MSE A 31 -0.71 12.18 -6.53
CA MSE A 31 -1.35 13.36 -7.10
C MSE A 31 -1.57 13.09 -8.61
O MSE A 31 -0.94 12.19 -9.15
CB MSE A 31 -0.37 14.55 -6.95
CG MSE A 31 -0.37 15.14 -5.59
SE MSE A 31 0.90 16.61 -5.54
CE MSE A 31 -0.31 18.03 -6.02
N ARG A 32 -2.42 13.86 -9.30
CA ARG A 32 -2.47 13.73 -10.76
C ARG A 32 -1.30 14.49 -11.33
N GLU A 33 -0.85 14.10 -12.52
CA GLU A 33 0.34 14.76 -13.08
C GLU A 33 0.14 16.27 -13.36
N GLY A 34 -1.09 16.72 -13.48
CA GLY A 34 -1.36 18.11 -13.83
C GLY A 34 -1.67 18.98 -12.61
N GLN A 35 -1.81 18.34 -11.45
CA GLN A 35 -1.99 19.06 -10.18
C GLN A 35 -0.76 19.88 -9.87
N ARG A 36 -0.95 21.04 -9.22
CA ARG A 36 0.11 21.96 -9.03
C ARG A 36 0.79 21.67 -7.74
N VAL A 37 2.10 21.83 -7.76
CA VAL A 37 2.83 21.71 -6.54
C VAL A 37 3.70 22.97 -6.35
N PHE A 38 4.15 23.17 -5.10
CA PHE A 38 5.20 24.18 -4.84
C PHE A 38 6.55 23.46 -4.68
N HIS A 39 7.63 24.07 -5.15
CA HIS A 39 8.92 23.39 -5.18
C HIS A 39 9.87 24.40 -4.61
N SER A 40 10.53 24.01 -3.50
CA SER A 40 11.72 24.73 -3.02
C SER A 40 13.01 23.90 -3.11
N LEU A 41 14.09 24.56 -3.45
CA LEU A 41 15.39 23.90 -3.43
C LEU A 41 16.34 24.86 -2.64
N ILE A 42 16.89 24.37 -1.55
CA ILE A 42 17.69 25.18 -0.65
C ILE A 42 19.05 24.49 -0.46
N VAL A 43 20.14 25.26 -0.53
CA VAL A 43 21.44 24.68 -0.30
C VAL A 43 21.90 25.23 1.03
N HIS A 44 22.34 24.31 1.89
CA HIS A 44 22.84 24.62 3.23
C HIS A 44 24.36 24.52 3.23
N PHE A 45 25.01 25.47 3.88
CA PHE A 45 26.45 25.55 3.88
C PHE A 45 26.98 25.51 5.29
N GLU A 46 28.21 25.00 5.46
CA GLU A 46 28.94 25.12 6.73
C GLU A 46 30.23 25.79 6.42
N ASN A 47 30.37 27.01 6.91
CA ASN A 47 31.54 27.81 6.61
C ASN A 47 31.82 27.92 5.10
N ASP A 48 30.82 28.30 4.27
CA ASP A 48 31.10 28.51 2.82
C ASP A 48 31.03 27.24 1.98
N ILE A 49 31.00 26.08 2.66
CA ILE A 49 31.06 24.77 1.99
C ILE A 49 29.72 24.08 2.03
N PRO A 50 29.15 23.76 0.84
CA PRO A 50 27.84 23.11 0.78
C PRO A 50 27.84 21.76 1.53
N VAL A 51 26.81 21.51 2.34
CA VAL A 51 26.68 20.26 3.04
C VAL A 51 25.36 19.55 2.74
N GLN A 52 24.39 20.28 2.18
CA GLN A 52 23.08 19.64 1.95
C GLN A 52 22.31 20.39 0.89
N ILE A 53 21.72 19.66 -0.03
CA ILE A 53 20.57 20.16 -0.81
C ILE A 53 19.29 19.59 -0.28
N GLU A 54 18.37 20.48 0.05
CA GLU A 54 17.00 20.10 0.37
C GLU A 54 16.16 20.47 -0.82
N ASP A 55 15.74 19.45 -1.55
CA ASP A 55 14.89 19.63 -2.69
C ASP A 55 13.51 19.15 -2.33
N ARG A 56 12.57 20.08 -2.13
CA ARG A 56 11.27 19.77 -1.51
C ARG A 56 10.11 20.11 -2.43
N PHE A 57 9.09 19.21 -2.46
CA PHE A 57 7.86 19.40 -3.19
C PHE A 57 6.70 19.33 -2.24
N VAL A 58 5.73 20.19 -2.44
CA VAL A 58 4.58 20.33 -1.53
C VAL A 58 3.28 20.42 -2.33
N ASN A 59 2.26 19.70 -1.90
CA ASN A 59 0.94 19.84 -2.44
C ASN A 59 0.44 21.29 -2.20
N ALA A 60 0.13 22.00 -3.29
CA ALA A 60 -0.06 23.44 -3.25
C ALA A 60 -1.42 23.75 -2.64
N GLN A 61 -2.31 22.77 -2.59
CA GLN A 61 -3.61 23.02 -1.91
C GLN A 61 -3.50 22.96 -0.38
N VAL A 62 -2.47 22.27 0.11
CA VAL A 62 -2.31 21.98 1.54
C VAL A 62 -1.67 23.21 2.20
N ALA A 63 -0.79 23.87 1.48
CA ALA A 63 0.00 24.96 1.98
C ALA A 63 -0.07 26.14 1.00
N PRO A 64 -1.25 26.74 0.83
CA PRO A 64 -1.41 27.74 -0.25
C PRO A 64 -0.45 28.91 -0.20
N ASP A 65 0.14 29.19 0.96
CA ASP A 65 1.00 30.35 1.12
C ASP A 65 2.49 29.98 1.18
N TYR A 66 2.87 28.79 0.71
CA TYR A 66 4.25 28.33 0.84
C TYR A 66 5.24 29.26 0.11
N LEU A 67 4.85 29.75 -1.07
CA LEU A 67 5.72 30.62 -1.89
C LEU A 67 6.04 32.02 -1.28
N LYS A 68 5.26 32.39 -0.28
CA LYS A 68 5.37 33.68 0.36
C LYS A 68 6.39 33.69 1.50
N GLN A 69 6.95 32.52 1.83
CA GLN A 69 7.84 32.42 3.00
C GLN A 69 9.27 32.75 2.72
N ASP A 70 9.96 33.25 3.74
CA ASP A 70 11.40 33.41 3.65
C ASP A 70 12.03 32.23 4.41
N PHE A 71 12.49 31.21 3.65
CA PHE A 71 12.99 30.00 4.26
C PHE A 71 14.44 30.08 4.73
N THR A 72 15.03 31.29 4.72
CA THR A 72 16.32 31.49 5.41
C THR A 72 16.06 31.72 6.91
N LEU A 73 14.80 31.94 7.25
CA LEU A 73 14.38 32.30 8.60
C LEU A 73 13.68 31.19 9.38
N GLN A 74 13.19 30.17 8.67
CA GLN A 74 12.47 29.04 9.24
C GLN A 74 12.57 27.97 8.16
N THR A 75 12.73 26.71 8.53
CA THR A 75 12.79 25.66 7.55
C THR A 75 11.40 25.39 6.95
N PRO A 76 11.35 24.90 5.68
CA PRO A 76 10.10 24.43 5.08
C PRO A 76 9.30 23.46 5.96
N TYR A 77 10.00 22.50 6.57
CA TYR A 77 9.34 21.49 7.43
C TYR A 77 8.72 22.16 8.68
N ALA A 78 9.42 23.11 9.27
CA ALA A 78 8.87 23.82 10.44
C ALA A 78 7.67 24.68 10.12
N TYR A 79 7.68 25.32 8.96
CA TYR A 79 6.54 26.07 8.40
C TYR A 79 5.35 25.17 8.10
N LEU A 80 5.63 24.07 7.42
CA LEU A 80 4.56 23.13 7.08
C LEU A 80 3.93 22.54 8.34
N SER A 81 4.76 22.27 9.35
CA SER A 81 4.23 21.82 10.66
C SER A 81 3.15 22.71 11.29
N GLN A 82 3.26 24.00 11.05
CA GLN A 82 2.35 25.01 11.56
C GLN A 82 1.07 25.08 10.70
N VAL A 83 1.18 24.77 9.42
CA VAL A 83 0.01 24.87 8.55
C VAL A 83 -0.88 23.61 8.52
N ALA A 84 -0.30 22.44 8.75
CA ALA A 84 -1.09 21.20 8.75
C ALA A 84 -0.58 20.31 9.87
N PRO A 85 -1.46 19.51 10.49
CA PRO A 85 -0.96 18.51 11.43
C PRO A 85 -0.17 17.45 10.66
N LEU A 86 1.11 17.30 10.95
CA LEU A 86 1.89 16.34 10.18
C LEU A 86 1.98 15.09 11.06
N THR A 87 1.33 14.01 10.64
CA THR A 87 1.04 12.87 11.50
C THR A 87 1.89 11.61 11.28
N GLU A 88 2.66 11.58 10.18
CA GLU A 88 3.38 10.38 9.74
C GLU A 88 4.46 10.75 8.71
N GLY A 89 5.61 10.14 8.85
CA GLY A 89 6.74 10.40 7.97
C GLY A 89 7.45 9.12 7.61
N GLU A 90 8.10 9.15 6.43
CA GLU A 90 8.78 8.02 5.87
C GLU A 90 10.18 8.51 5.55
N HIS A 91 11.18 7.63 5.71
CA HIS A 91 12.59 8.05 5.43
C HIS A 91 13.19 6.92 4.67
N VAL A 92 13.95 7.19 3.61
CA VAL A 92 14.66 6.18 2.89
C VAL A 92 16.07 6.74 2.82
N VAL A 93 17.07 5.95 3.24
CA VAL A 93 18.47 6.40 3.25
C VAL A 93 19.21 5.53 2.24
N GLU A 94 19.78 6.13 1.18
CA GLU A 94 20.54 5.46 0.16
C GLU A 94 21.86 6.17 -0.07
N ALA A 95 22.85 5.40 -0.50
CA ALA A 95 24.10 5.97 -1.00
C ALA A 95 23.99 5.99 -2.54
N ILE A 96 24.09 7.20 -3.10
CA ILE A 96 23.87 7.45 -4.54
C ILE A 96 24.97 8.34 -5.12
N LEU A 97 25.01 8.45 -6.46
CA LEU A 97 25.73 9.55 -7.14
C LEU A 97 24.65 10.59 -7.52
N ALA A 98 24.99 11.86 -7.38
CA ALA A 98 24.06 12.90 -7.50
C ALA A 98 23.99 13.30 -9.00
N GLU A 99 22.91 13.97 -9.38
CA GLU A 99 22.72 14.45 -10.73
C GLU A 99 23.72 15.55 -11.00
N ALA A 100 24.05 15.80 -12.28
CA ALA A 100 25.08 16.78 -12.60
C ALA A 100 24.84 18.14 -11.97
N ASP A 101 23.61 18.61 -12.01
CA ASP A 101 23.33 19.92 -11.50
C ASP A 101 23.47 20.00 -10.00
N GLU A 102 23.11 18.89 -9.33
CA GLU A 102 23.28 18.79 -7.83
C GLU A 102 24.76 18.76 -7.49
N CYS A 103 25.57 17.98 -8.23
CA CYS A 103 27.02 18.02 -7.95
C CYS A 103 27.56 19.47 -8.02
N LYS A 104 27.13 20.20 -9.03
CA LYS A 104 27.52 21.61 -9.20
C LYS A 104 27.14 22.49 -8.01
N LEU A 105 25.89 22.40 -7.58
CA LEU A 105 25.42 23.11 -6.38
C LEU A 105 26.21 22.75 -5.07
N LEU A 106 26.59 21.49 -4.96
CA LEU A 106 27.32 21.01 -3.80
C LEU A 106 28.82 21.13 -3.89
N GLN A 107 29.28 21.56 -5.06
CA GLN A 107 30.72 21.71 -5.33
C GLN A 107 31.40 20.38 -5.07
N ILE A 108 30.92 19.33 -5.72
CA ILE A 108 31.54 18.00 -5.67
C ILE A 108 31.79 17.52 -7.10
N ASP A 109 32.72 16.59 -7.28
CA ASP A 109 32.90 15.86 -8.55
C ASP A 109 31.72 14.92 -8.71
N ALA A 110 31.35 14.68 -9.98
CA ALA A 110 30.32 13.69 -10.36
C ALA A 110 30.40 12.28 -9.78
N GLY A 111 31.61 11.81 -9.50
CA GLY A 111 31.84 10.51 -8.82
C GLY A 111 31.87 10.44 -7.28
N GLU A 112 31.80 11.58 -6.61
CA GLU A 112 31.70 11.58 -5.14
C GLU A 112 30.34 11.00 -4.64
N PRO A 113 30.38 9.90 -3.89
CA PRO A 113 29.15 9.38 -3.34
C PRO A 113 28.50 10.35 -2.37
N CYS A 114 27.17 10.33 -2.38
CA CYS A 114 26.38 11.22 -1.57
C CYS A 114 25.40 10.40 -0.74
N LEU A 115 25.13 10.86 0.48
CA LEU A 115 24.04 10.33 1.29
C LEU A 115 22.68 10.99 0.97
N LEU A 116 21.75 10.18 0.47
CA LEU A 116 20.43 10.64 0.15
C LEU A 116 19.54 10.23 1.27
N ILE A 117 18.76 11.17 1.79
CA ILE A 117 17.61 10.80 2.62
C ILE A 117 16.39 11.30 1.90
N ARG A 118 15.53 10.38 1.48
CA ARG A 118 14.32 10.72 0.79
C ARG A 118 13.18 10.64 1.81
N ARG A 119 12.48 11.76 1.98
CA ARG A 119 11.47 11.86 3.02
C ARG A 119 10.12 12.11 2.39
N ARG A 120 9.08 11.67 3.07
CA ARG A 120 7.70 11.91 2.64
C ARG A 120 6.95 12.11 3.96
N THR A 121 6.03 13.07 4.00
CA THR A 121 5.25 13.34 5.21
C THR A 121 3.74 13.46 4.86
N TRP A 122 2.89 12.88 5.71
CA TRP A 122 1.48 12.89 5.52
C TRP A 122 0.79 13.71 6.63
N SER A 123 -0.41 14.17 6.30
CA SER A 123 -1.32 14.74 7.29
C SER A 123 -2.58 13.88 7.23
N GLY A 124 -2.77 13.03 8.23
CA GLY A 124 -3.76 11.93 8.13
C GLY A 124 -3.41 11.05 6.92
N ARG A 125 -4.37 10.86 6.03
CA ARG A 125 -4.14 9.98 4.87
C ARG A 125 -3.56 10.77 3.72
N GLN A 126 -3.49 12.08 3.87
CA GLN A 126 -3.08 12.93 2.78
C GLN A 126 -1.56 13.20 2.75
N PRO A 127 -0.89 12.75 1.69
CA PRO A 127 0.54 13.19 1.43
C PRO A 127 0.75 14.72 1.28
N VAL A 128 1.59 15.26 2.10
CA VAL A 128 1.74 16.71 2.16
C VAL A 128 2.95 17.15 1.35
N THR A 129 4.09 16.47 1.51
CA THR A 129 5.33 16.98 0.98
C THR A 129 6.25 15.79 0.84
N ALA A 130 7.19 15.91 -0.10
CA ALA A 130 8.16 14.87 -0.35
C ALA A 130 9.48 15.67 -0.54
N ALA A 131 10.60 15.19 0.00
CA ALA A 131 11.81 15.94 -0.16
C ALA A 131 12.96 15.00 -0.38
N ARG A 132 13.97 15.49 -1.07
CA ARG A 132 15.25 14.75 -1.18
C ARG A 132 16.32 15.62 -0.59
N LEU A 133 16.99 15.08 0.45
CA LEU A 133 18.11 15.75 1.15
C LEU A 133 19.35 15.06 0.67
N ILE A 134 20.26 15.78 0.03
CA ILE A 134 21.42 15.15 -0.55
C ILE A 134 22.67 15.77 0.05
N HIS A 135 23.55 14.93 0.61
CA HIS A 135 24.68 15.39 1.38
C HIS A 135 25.93 14.75 0.76
N PRO A 136 27.00 15.53 0.47
CA PRO A 136 28.25 15.00 0.02
C PRO A 136 28.70 14.01 1.07
N GLY A 137 29.05 12.81 0.64
CA GLY A 137 29.35 11.76 1.62
C GLY A 137 30.54 12.16 2.51
N SER A 138 31.47 12.93 1.96
CA SER A 138 32.62 13.42 2.74
C SER A 138 32.34 14.53 3.77
N ARG A 139 31.11 15.04 3.85
CA ARG A 139 30.84 16.26 4.61
C ARG A 139 29.70 16.08 5.62
N HIS A 140 29.14 14.87 5.70
CA HIS A 140 27.97 14.67 6.52
C HIS A 140 27.89 13.23 6.90
N ARG A 141 27.51 12.95 8.14
CA ARG A 141 27.10 11.57 8.52
C ARG A 141 25.82 11.58 9.34
N LEU A 142 25.08 10.49 9.30
CA LEU A 142 23.86 10.37 10.09
C LEU A 142 24.35 9.64 11.33
N GLU A 143 24.00 10.10 12.55
CA GLU A 143 24.49 9.43 13.77
C GLU A 143 23.35 9.29 14.76
N GLY A 144 23.19 8.16 15.39
CA GLY A 144 22.30 8.13 16.59
C GLY A 144 22.50 6.96 17.49
N ARG A 145 21.76 6.94 18.58
CA ARG A 145 21.84 5.81 19.49
C ARG A 145 20.44 5.66 20.06
N PHE A 146 20.05 4.39 20.30
CA PHE A 146 18.73 4.10 20.81
C PHE A 146 18.64 2.78 21.51
N THR A 147 17.81 2.73 22.52
CA THR A 147 17.67 1.49 23.23
C THR A 147 16.90 0.51 22.34
N LYS A 148 17.15 -0.77 22.59
CA LYS A 148 16.60 -1.94 21.91
C LYS A 148 15.66 -2.56 22.93
N HIS B 7 13.49 -15.64 -1.35
CA HIS B 7 14.55 -14.68 -0.94
C HIS B 7 15.55 -15.53 -0.17
N ARG B 8 16.82 -15.63 -0.62
CA ARG B 8 17.79 -16.49 0.09
C ARG B 8 19.13 -15.87 0.47
N HIS B 9 19.44 -16.00 1.74
CA HIS B 9 20.61 -15.41 2.33
C HIS B 9 21.63 -16.54 2.54
N THR B 10 22.82 -16.33 1.99
CA THR B 10 23.97 -17.24 2.22
C THR B 10 25.18 -16.33 2.53
N CYS B 11 26.28 -16.89 3.02
CA CYS B 11 27.41 -16.04 3.43
C CYS B 11 28.66 -16.85 3.40
N LYS B 12 29.78 -16.12 3.34
CA LYS B 12 31.09 -16.72 3.26
C LYS B 12 31.86 -16.05 4.37
N VAL B 13 32.34 -16.86 5.31
CA VAL B 13 33.23 -16.37 6.39
C VAL B 13 34.64 -16.24 5.79
N MSE B 14 35.20 -15.06 5.83
CA MSE B 14 36.59 -14.82 5.33
C MSE B 14 37.58 -14.80 6.53
O MSE B 14 38.69 -15.20 6.35
CB MSE B 14 36.77 -13.49 4.58
CG MSE B 14 35.67 -13.12 3.46
SE MSE B 14 35.70 -14.58 2.14
CE MSE B 14 37.34 -14.08 1.25
N VAL B 15 37.15 -14.24 7.67
CA VAL B 15 37.97 -14.06 8.88
C VAL B 15 37.19 -14.53 10.09
N LEU B 16 37.83 -15.34 10.89
CA LEU B 16 37.33 -15.69 12.24
C LEU B 16 38.54 -16.02 13.16
N LYS B 17 38.89 -15.04 14.02
CA LYS B 17 40.21 -15.07 14.74
C LYS B 17 40.24 -14.18 15.96
N GLU B 18 41.10 -14.54 16.90
CA GLU B 18 41.37 -13.68 18.02
C GLU B 18 42.50 -12.77 17.62
N GLU B 19 42.48 -11.51 18.08
CA GLU B 19 43.60 -10.61 17.79
C GLU B 19 43.60 -9.53 18.88
N ALA B 20 44.64 -8.71 18.94
CA ALA B 20 44.63 -7.51 19.82
C ALA B 20 43.56 -6.47 19.41
N ALA B 21 42.95 -5.82 20.39
CA ALA B 21 41.97 -4.81 20.13
C ALA B 21 42.58 -3.78 19.21
N GLY B 22 43.78 -3.30 19.55
CA GLY B 22 44.30 -2.09 18.87
C GLY B 22 43.55 -0.81 19.25
N SER B 23 43.99 0.33 18.71
CA SER B 23 43.42 1.63 19.13
C SER B 23 41.92 1.72 18.90
N GLU B 24 41.49 1.22 17.74
CA GLU B 24 40.13 1.36 17.27
C GLU B 24 39.15 0.61 18.17
N ARG B 25 39.43 -0.67 18.36
CA ARG B 25 38.52 -1.54 19.10
C ARG B 25 38.67 -1.20 20.59
N ALA B 26 39.82 -0.66 20.98
CA ALA B 26 39.99 -0.25 22.39
C ALA B 26 39.00 0.84 22.78
N LEU B 27 38.80 1.82 21.89
CA LEU B 27 37.88 2.90 22.09
C LEU B 27 36.45 2.47 21.82
N ALA B 28 36.24 1.64 20.79
CA ALA B 28 34.89 1.16 20.46
C ALA B 28 34.31 0.32 21.64
N LEU B 29 35.14 -0.56 22.23
CA LEU B 29 34.71 -1.59 23.20
C LEU B 29 35.20 -1.36 24.66
N ASP B 30 35.85 -0.25 24.89
CA ASP B 30 36.23 0.26 26.21
C ASP B 30 37.20 -0.70 26.75
N MSE B 31 38.28 -0.91 26.02
CA MSE B 31 39.26 -1.86 26.48
C MSE B 31 40.70 -1.44 26.25
O MSE B 31 40.93 -0.41 25.65
CB MSE B 31 38.96 -3.23 25.86
CG MSE B 31 38.79 -3.24 24.42
SE MSE B 31 38.31 -5.16 23.98
CE MSE B 31 36.55 -5.22 24.77
N ARG B 32 41.67 -2.19 26.74
CA ARG B 32 43.09 -1.85 26.46
C ARG B 32 43.46 -2.33 25.05
N GLU B 33 44.29 -1.54 24.36
CA GLU B 33 44.63 -1.87 23.00
C GLU B 33 45.23 -3.25 22.88
N GLY B 34 45.82 -3.75 23.96
CA GLY B 34 46.50 -5.06 23.95
C GLY B 34 45.57 -6.21 24.34
N GLN B 35 44.33 -5.90 24.71
CA GLN B 35 43.42 -6.94 25.15
C GLN B 35 42.87 -7.71 23.95
N ARG B 36 42.54 -8.98 24.15
CA ARG B 36 42.10 -9.80 23.04
C ARG B 36 40.62 -9.65 22.73
N VAL B 37 40.33 -9.58 21.44
CA VAL B 37 38.97 -9.42 20.95
C VAL B 37 38.80 -10.50 19.91
N PHE B 38 37.57 -10.85 19.61
CA PHE B 38 37.31 -11.78 18.47
C PHE B 38 36.84 -11.01 17.27
N HIS B 39 37.22 -11.46 16.09
CA HIS B 39 37.05 -10.66 14.87
C HIS B 39 36.51 -11.62 13.78
N SER B 40 35.35 -11.30 13.21
CA SER B 40 34.86 -12.01 12.11
C SER B 40 34.68 -11.04 10.90
N LEU B 41 34.96 -11.52 9.70
CA LEU B 41 34.61 -10.77 8.46
C LEU B 41 33.85 -11.74 7.58
N ILE B 42 32.58 -11.42 7.31
CA ILE B 42 31.70 -12.29 6.55
C ILE B 42 31.11 -11.53 5.36
N VAL B 43 30.95 -12.17 4.20
CA VAL B 43 30.29 -11.50 3.05
C VAL B 43 28.95 -12.19 3.00
N HIS B 44 27.92 -11.37 3.03
CA HIS B 44 26.54 -11.83 2.97
C HIS B 44 26.02 -11.64 1.54
N PHE B 45 25.31 -12.64 1.07
CA PHE B 45 24.76 -12.69 -0.33
C PHE B 45 23.23 -12.72 -0.24
N GLU B 46 22.55 -12.11 -1.20
CA GLU B 46 21.12 -12.29 -1.29
C GLU B 46 20.93 -12.81 -2.68
N ASN B 47 20.40 -14.05 -2.79
CA ASN B 47 20.32 -14.75 -4.08
C ASN B 47 21.63 -14.74 -4.84
N ASP B 48 22.72 -15.11 -4.17
CA ASP B 48 24.00 -15.21 -4.82
C ASP B 48 24.72 -13.93 -5.21
N ILE B 49 24.14 -12.78 -4.94
CA ILE B 49 24.82 -11.51 -5.21
C ILE B 49 25.25 -10.91 -3.87
N PRO B 50 26.53 -10.46 -3.78
CA PRO B 50 27.03 -9.85 -2.55
C PRO B 50 26.16 -8.65 -2.15
N VAL B 51 25.76 -8.57 -0.88
CA VAL B 51 24.98 -7.40 -0.43
C VAL B 51 25.60 -6.67 0.71
N GLN B 52 26.51 -7.35 1.44
CA GLN B 52 27.12 -6.69 2.65
C GLN B 52 28.41 -7.32 2.98
N ILE B 53 29.41 -6.52 3.37
CA ILE B 53 30.56 -7.05 4.10
C ILE B 53 30.36 -6.68 5.58
N GLU B 54 30.35 -7.66 6.47
CA GLU B 54 30.11 -7.28 7.90
C GLU B 54 31.46 -7.56 8.58
N ASP B 55 32.15 -6.51 9.04
CA ASP B 55 33.46 -6.63 9.72
C ASP B 55 33.16 -6.34 11.16
N ARG B 56 33.22 -7.37 12.00
CA ARG B 56 32.64 -7.32 13.35
C ARG B 56 33.66 -7.68 14.39
N PHE B 57 33.69 -6.93 15.46
CA PHE B 57 34.58 -7.23 16.58
C PHE B 57 33.78 -7.41 17.87
N VAL B 58 34.26 -8.33 18.76
CA VAL B 58 33.48 -8.86 19.87
C VAL B 58 34.37 -9.01 21.07
N ASN B 59 33.85 -8.54 22.17
CA ASN B 59 34.54 -8.61 23.41
C ASN B 59 34.59 -10.07 23.78
N ALA B 60 35.79 -10.60 23.77
CA ALA B 60 36.06 -11.98 24.17
C ALA B 60 35.49 -12.41 25.54
N GLN B 61 35.37 -11.49 26.51
CA GLN B 61 34.85 -11.86 27.85
C GLN B 61 33.37 -12.11 27.84
N VAL B 62 32.62 -11.44 26.95
CA VAL B 62 31.16 -11.50 26.91
C VAL B 62 30.70 -12.72 26.14
N ALA B 63 31.43 -13.06 25.07
CA ALA B 63 31.02 -14.14 24.20
C ALA B 63 32.24 -15.08 24.02
N PRO B 64 32.62 -15.78 25.12
CA PRO B 64 33.84 -16.56 25.03
C PRO B 64 33.90 -17.62 23.95
N ASP B 65 32.74 -18.07 23.47
CA ASP B 65 32.71 -19.16 22.50
C ASP B 65 32.43 -18.69 21.05
N TYR B 66 32.56 -17.38 20.83
CA TYR B 66 32.31 -16.78 19.53
C TYR B 66 33.11 -17.47 18.41
N LEU B 67 34.39 -17.75 18.64
CA LEU B 67 35.26 -18.30 17.57
C LEU B 67 34.82 -19.71 17.13
N LYS B 68 34.09 -20.38 18.01
CA LYS B 68 33.69 -21.74 17.83
C LYS B 68 32.44 -21.92 16.97
N GLN B 69 31.79 -20.81 16.61
CA GLN B 69 30.51 -20.85 15.91
C GLN B 69 30.60 -21.00 14.35
N ASP B 70 29.53 -21.56 13.76
CA ASP B 70 29.42 -21.73 12.33
C ASP B 70 28.43 -20.70 11.83
N PHE B 71 28.94 -19.55 11.41
CA PHE B 71 28.08 -18.45 11.04
C PHE B 71 27.56 -18.58 9.61
N THR B 72 27.74 -19.76 8.98
CA THR B 72 26.87 -20.08 7.82
C THR B 72 25.49 -20.53 8.30
N LEU B 73 25.32 -20.87 9.57
CA LEU B 73 24.02 -21.35 10.06
C LEU B 73 23.23 -20.29 10.85
N GLN B 74 23.93 -19.23 11.27
CA GLN B 74 23.36 -18.22 12.13
C GLN B 74 24.16 -16.92 11.87
N THR B 75 23.59 -15.71 11.95
CA THR B 75 24.44 -14.52 11.88
C THR B 75 25.11 -14.30 13.27
N PRO B 76 26.29 -13.65 13.29
CA PRO B 76 26.90 -13.21 14.56
C PRO B 76 25.93 -12.42 15.50
N TYR B 77 25.18 -11.48 14.95
CA TYR B 77 24.22 -10.73 15.79
C TYR B 77 23.19 -11.65 16.44
N ALA B 78 22.65 -12.62 15.71
CA ALA B 78 21.66 -13.52 16.26
C ALA B 78 22.32 -14.30 17.37
N TYR B 79 23.48 -14.89 17.07
CA TYR B 79 24.24 -15.60 18.10
C TYR B 79 24.45 -14.75 19.38
N LEU B 80 25.03 -13.58 19.18
CA LEU B 80 25.32 -12.67 20.29
C LEU B 80 24.07 -12.29 21.10
N SER B 81 22.96 -12.06 20.42
CA SER B 81 21.75 -11.72 21.16
C SER B 81 21.21 -12.90 22.00
N GLN B 82 21.75 -14.10 21.77
CA GLN B 82 21.47 -15.31 22.58
C GLN B 82 22.37 -15.35 23.77
N VAL B 83 23.58 -14.85 23.60
CA VAL B 83 24.62 -14.96 24.59
C VAL B 83 24.42 -13.93 25.69
N ALA B 84 23.88 -12.76 25.32
CA ALA B 84 23.74 -11.67 26.27
C ALA B 84 22.58 -10.79 25.86
N PRO B 85 21.89 -10.17 26.82
CA PRO B 85 20.81 -9.26 26.42
C PRO B 85 21.32 -7.95 25.82
N LEU B 86 20.95 -7.68 24.57
CA LEU B 86 21.50 -6.52 23.85
C LEU B 86 20.53 -5.40 24.07
N THR B 87 20.94 -4.33 24.69
CA THR B 87 19.96 -3.33 25.23
C THR B 87 19.97 -1.99 24.51
N GLU B 88 21.01 -1.73 23.72
CA GLU B 88 21.23 -0.39 23.18
C GLU B 88 22.15 -0.49 21.97
N GLY B 89 21.92 0.35 20.94
CA GLY B 89 22.70 0.26 19.67
C GLY B 89 23.02 1.69 19.29
N GLU B 90 24.18 1.86 18.62
CA GLU B 90 24.61 3.18 18.17
C GLU B 90 24.92 3.00 16.69
N HIS B 91 24.69 4.02 15.86
CA HIS B 91 24.91 3.89 14.41
C HIS B 91 25.44 5.17 13.81
N VAL B 92 26.28 5.03 12.78
CA VAL B 92 26.80 6.15 12.08
C VAL B 92 26.69 5.72 10.63
N VAL B 93 26.02 6.53 9.83
CA VAL B 93 25.75 6.13 8.44
C VAL B 93 26.32 7.20 7.51
N GLU B 94 27.09 6.74 6.51
CA GLU B 94 27.88 7.53 5.60
C GLU B 94 27.74 6.94 4.20
N ALA B 95 27.96 7.77 3.20
CA ALA B 95 28.12 7.30 1.82
C ALA B 95 29.61 7.45 1.47
N ILE B 96 30.15 6.35 1.01
CA ILE B 96 31.56 6.30 0.66
C ILE B 96 31.77 5.49 -0.61
N LEU B 97 33.00 5.56 -1.12
CA LEU B 97 33.50 4.56 -2.11
C LEU B 97 34.27 3.41 -1.39
N ALA B 98 34.07 2.14 -1.79
CA ALA B 98 34.80 1.09 -1.10
C ALA B 98 36.27 1.04 -1.55
N GLU B 99 37.09 0.35 -0.77
CA GLU B 99 38.50 0.10 -1.15
C GLU B 99 38.52 -0.96 -2.23
N ALA B 100 39.59 -0.99 -3.00
CA ALA B 100 39.69 -1.97 -4.09
C ALA B 100 39.40 -3.45 -3.64
N ASP B 101 39.90 -3.86 -2.49
CA ASP B 101 39.66 -5.26 -2.09
C ASP B 101 38.21 -5.49 -1.72
N GLU B 102 37.58 -4.47 -1.14
CA GLU B 102 36.15 -4.53 -0.81
C GLU B 102 35.31 -4.56 -2.10
N CYS B 103 35.69 -3.81 -3.14
CA CYS B 103 34.97 -3.91 -4.44
C CYS B 103 35.03 -5.32 -5.01
N LYS B 104 36.18 -5.98 -4.89
CA LYS B 104 36.27 -7.34 -5.40
C LYS B 104 35.35 -8.28 -4.61
N LEU B 105 35.36 -8.18 -3.29
CA LEU B 105 34.49 -9.00 -2.44
C LEU B 105 33.00 -8.78 -2.70
N LEU B 106 32.57 -7.52 -2.89
CA LEU B 106 31.17 -7.20 -3.18
C LEU B 106 30.78 -7.31 -4.65
N GLN B 107 31.73 -7.63 -5.51
CA GLN B 107 31.46 -7.69 -6.94
C GLN B 107 30.76 -6.41 -7.41
N ILE B 108 31.40 -5.25 -7.19
CA ILE B 108 30.84 -3.93 -7.62
C ILE B 108 31.90 -3.12 -8.35
N ASP B 109 31.40 -2.13 -9.08
CA ASP B 109 32.23 -1.15 -9.77
C ASP B 109 33.04 -0.39 -8.74
N ALA B 110 34.24 0.03 -9.10
CA ALA B 110 35.07 0.83 -8.17
C ALA B 110 34.35 2.14 -7.83
N GLY B 111 33.64 2.73 -8.77
CA GLY B 111 32.92 3.98 -8.49
C GLY B 111 31.48 3.85 -7.88
N GLU B 112 31.06 2.63 -7.55
CA GLU B 112 29.71 2.40 -6.92
C GLU B 112 29.68 3.04 -5.52
N PRO B 113 28.68 3.91 -5.25
CA PRO B 113 28.49 4.50 -3.94
C PRO B 113 27.99 3.41 -3.03
N CYS B 114 28.61 3.35 -1.86
CA CYS B 114 28.32 2.30 -0.89
C CYS B 114 27.78 2.99 0.38
N LEU B 115 26.87 2.31 1.05
CA LEU B 115 26.30 2.79 2.26
C LEU B 115 27.19 2.14 3.36
N LEU B 116 27.82 2.95 4.17
CA LEU B 116 28.64 2.51 5.26
C LEU B 116 27.92 2.74 6.56
N ILE B 117 27.78 1.69 7.35
CA ILE B 117 27.12 1.79 8.65
C ILE B 117 28.12 1.26 9.68
N ARG B 118 28.36 2.05 10.70
CA ARG B 118 29.26 1.65 11.77
C ARG B 118 28.38 1.60 12.97
N ARG B 119 28.39 0.45 13.65
CA ARG B 119 27.47 0.19 14.75
C ARG B 119 28.26 -0.32 15.98
N ARG B 120 27.75 0.01 17.16
CA ARG B 120 28.20 -0.61 18.43
C ARG B 120 26.96 -1.05 19.14
N THR B 121 27.04 -2.13 19.91
CA THR B 121 25.86 -2.64 20.62
C THR B 121 26.31 -2.91 22.05
N TRP B 122 25.48 -2.51 22.99
CA TRP B 122 25.76 -2.67 24.42
C TRP B 122 24.85 -3.72 25.02
N SER B 123 25.36 -4.37 26.08
CA SER B 123 24.52 -5.17 26.95
C SER B 123 24.60 -4.48 28.28
N GLY B 124 23.57 -3.69 28.64
CA GLY B 124 23.65 -2.81 29.82
C GLY B 124 24.62 -1.66 29.54
N ARG B 125 25.64 -1.51 30.38
CA ARG B 125 26.66 -0.50 30.09
C ARG B 125 27.94 -1.16 29.49
N GLN B 126 27.94 -2.47 29.24
CA GLN B 126 29.14 -3.11 28.64
C GLN B 126 28.98 -3.18 27.12
N PRO B 127 29.98 -2.66 26.35
CA PRO B 127 29.96 -2.83 24.90
C PRO B 127 30.21 -4.29 24.61
N VAL B 128 29.40 -4.86 23.73
CA VAL B 128 29.54 -6.25 23.42
C VAL B 128 30.28 -6.39 22.10
N THR B 129 29.90 -5.54 21.14
CA THR B 129 30.37 -5.73 19.79
C THR B 129 30.36 -4.39 19.00
N ALA B 130 31.23 -4.25 18.00
CA ALA B 130 31.23 -3.09 17.12
C ALA B 130 31.41 -3.65 15.72
N ALA B 131 30.68 -3.11 14.73
CA ALA B 131 30.74 -3.68 13.37
C ALA B 131 30.83 -2.56 12.34
N ARG B 132 31.42 -2.85 11.22
CA ARG B 132 31.54 -1.88 10.13
C ARG B 132 30.90 -2.59 8.99
N LEU B 133 29.78 -2.06 8.51
CA LEU B 133 29.00 -2.84 7.51
C LEU B 133 28.98 -2.03 6.22
N ILE B 134 29.42 -2.59 5.13
CA ILE B 134 29.46 -1.79 3.90
C ILE B 134 28.58 -2.49 2.89
N HIS B 135 27.69 -1.71 2.27
CA HIS B 135 26.70 -2.27 1.37
C HIS B 135 26.87 -1.60 0.03
N PRO B 136 26.77 -2.36 -1.09
CA PRO B 136 26.59 -1.59 -2.35
C PRO B 136 25.29 -0.73 -2.36
N GLY B 137 25.43 0.50 -2.71
CA GLY B 137 24.32 1.43 -2.59
C GLY B 137 23.17 1.02 -3.49
N SER B 138 23.48 0.27 -4.54
CA SER B 138 22.39 -0.23 -5.43
C SER B 138 21.67 -1.44 -4.86
N ARG B 139 22.21 -2.01 -3.76
CA ARG B 139 21.77 -3.32 -3.27
C ARG B 139 21.17 -3.32 -1.85
N HIS B 140 21.29 -2.20 -1.14
CA HIS B 140 20.65 -2.06 0.14
C HIS B 140 20.36 -0.60 0.49
N ARG B 141 19.25 -0.36 1.15
CA ARG B 141 19.00 0.97 1.75
C ARG B 141 18.22 0.81 3.03
N LEU B 142 18.14 1.87 3.84
CA LEU B 142 17.44 1.84 5.10
C LEU B 142 16.08 2.45 4.82
N GLU B 143 14.99 1.84 5.30
CA GLU B 143 13.67 2.44 5.06
C GLU B 143 12.93 2.41 6.39
N GLY B 144 12.17 3.46 6.67
CA GLY B 144 11.17 3.43 7.76
C GLY B 144 10.04 4.40 7.56
N ARG B 145 8.89 4.07 8.12
CA ARG B 145 7.73 4.93 8.12
C ARG B 145 7.11 4.76 9.52
N PHE B 146 6.69 5.87 10.12
CA PHE B 146 6.44 5.91 11.56
C PHE B 146 5.49 7.04 11.79
N THR B 147 4.55 6.86 12.73
CA THR B 147 3.73 7.96 13.08
C THR B 147 4.57 8.94 13.93
N LYS B 148 4.20 10.23 13.94
CA LYS B 148 5.00 11.24 14.64
C LYS B 148 4.40 11.49 16.02
N HIS C 7 12.56 -10.98 38.88
CA HIS C 7 12.28 -11.39 37.47
C HIS C 7 12.69 -12.85 37.15
N ARG C 8 11.81 -13.79 37.53
CA ARG C 8 11.91 -15.19 37.06
C ARG C 8 10.96 -15.40 35.86
N HIS C 9 11.53 -15.36 34.64
CA HIS C 9 10.77 -15.48 33.41
C HIS C 9 10.40 -16.94 33.10
N THR C 10 9.10 -17.21 32.93
CA THR C 10 8.55 -18.55 32.66
C THR C 10 7.48 -18.47 31.53
N CYS C 11 7.33 -19.53 30.74
CA CYS C 11 6.26 -19.55 29.71
C CYS C 11 5.53 -20.90 29.52
N LYS C 12 4.43 -20.85 28.77
CA LYS C 12 3.58 -22.04 28.57
C LYS C 12 3.03 -21.87 27.17
N VAL C 13 3.29 -22.87 26.32
CA VAL C 13 2.79 -22.91 24.94
C VAL C 13 1.36 -23.50 25.08
N MSE C 14 0.33 -22.67 24.90
CA MSE C 14 -1.07 -23.09 25.08
C MSE C 14 -1.62 -23.74 23.81
O MSE C 14 -2.52 -24.61 23.87
CB MSE C 14 -1.97 -21.90 25.41
CG MSE C 14 -1.69 -21.14 26.67
SE MSE C 14 -1.86 -22.28 28.24
CE MSE C 14 -0.20 -23.23 28.06
N VAL C 15 -1.19 -23.21 22.66
CA VAL C 15 -1.64 -23.73 21.35
C VAL C 15 -0.50 -23.81 20.33
N LEU C 16 -0.45 -24.92 19.62
CA LEU C 16 0.49 -25.09 18.54
C LEU C 16 -0.12 -26.02 17.50
N LYS C 17 -0.68 -25.46 16.40
CA LYS C 17 -1.42 -26.29 15.48
C LYS C 17 -1.49 -25.64 14.11
N GLU C 18 -1.81 -26.47 13.15
CA GLU C 18 -2.20 -26.02 11.78
C GLU C 18 -3.70 -25.66 11.70
N GLU C 19 -4.03 -24.63 10.92
CA GLU C 19 -5.41 -24.23 10.68
C GLU C 19 -5.45 -23.44 9.38
N ALA C 20 -6.67 -23.13 8.93
CA ALA C 20 -6.88 -22.43 7.65
C ALA C 20 -6.61 -21.03 8.03
N ALA C 21 -6.05 -20.21 7.10
CA ALA C 21 -5.87 -18.78 7.31
C ALA C 21 -7.23 -18.13 7.72
N GLY C 22 -8.29 -18.39 6.98
CA GLY C 22 -9.55 -17.71 7.30
C GLY C 22 -9.47 -16.25 6.86
N SER C 23 -10.51 -15.48 7.19
CA SER C 23 -10.58 -14.16 6.67
C SER C 23 -9.58 -13.18 7.32
N GLU C 24 -9.20 -13.40 8.59
CA GLU C 24 -8.37 -12.43 9.26
C GLU C 24 -6.94 -12.63 8.90
N ARG C 25 -6.42 -13.88 8.94
CA ARG C 25 -5.00 -14.10 8.52
C ARG C 25 -4.80 -13.90 7.06
N ALA C 26 -5.85 -14.09 6.25
CA ALA C 26 -5.78 -13.70 4.81
C ALA C 26 -5.43 -12.23 4.63
N LEU C 27 -6.13 -11.34 5.33
CA LEU C 27 -5.76 -9.92 5.29
C LEU C 27 -4.39 -9.66 5.88
N ALA C 28 -4.13 -10.22 7.06
CA ALA C 28 -2.88 -9.98 7.78
C ALA C 28 -1.66 -10.45 7.01
N LEU C 29 -1.76 -11.60 6.32
CA LEU C 29 -0.56 -12.23 5.71
C LEU C 29 -0.65 -12.25 4.18
N ASP C 30 -1.59 -11.51 3.60
CA ASP C 30 -1.80 -11.51 2.10
C ASP C 30 -1.90 -12.90 1.54
N MSE C 31 -2.83 -13.66 2.11
CA MSE C 31 -2.96 -15.06 1.79
C MSE C 31 -4.42 -15.25 1.35
O MSE C 31 -5.23 -14.37 1.64
CB MSE C 31 -2.70 -15.90 3.05
CG MSE C 31 -1.25 -16.05 3.45
SE MSE C 31 -1.06 -17.09 5.14
CE MSE C 31 -0.96 -18.90 4.42
N ARG C 32 -4.73 -16.40 0.73
CA ARG C 32 -6.10 -16.84 0.46
C ARG C 32 -6.67 -17.59 1.68
N GLU C 33 -7.97 -17.47 1.88
CA GLU C 33 -8.56 -17.85 3.20
C GLU C 33 -8.40 -19.34 3.45
N GLY C 34 -8.26 -20.06 2.35
CA GLY C 34 -8.11 -21.50 2.34
C GLY C 34 -6.70 -22.00 2.54
N GLN C 35 -5.72 -21.14 2.49
CA GLN C 35 -4.40 -21.62 2.63
C GLN C 35 -4.18 -21.96 4.12
N ARG C 36 -3.23 -22.85 4.37
CA ARG C 36 -2.81 -23.26 5.74
C ARG C 36 -1.81 -22.34 6.48
N VAL C 37 -2.02 -22.10 7.75
CA VAL C 37 -1.08 -21.37 8.57
C VAL C 37 -0.73 -22.25 9.77
N PHE C 38 0.34 -21.89 10.50
CA PHE C 38 0.53 -22.56 11.78
C PHE C 38 0.25 -21.46 12.81
N HIS C 39 -0.23 -21.85 13.95
CA HIS C 39 -0.68 -20.92 14.95
C HIS C 39 -0.06 -21.35 16.29
N SER C 40 0.69 -20.47 16.96
CA SER C 40 1.16 -20.80 18.31
C SER C 40 0.59 -19.72 19.26
N LEU C 41 0.23 -20.10 20.47
CA LEU C 41 -0.17 -19.10 21.47
C LEU C 41 0.59 -19.39 22.75
N ILE C 42 1.41 -18.43 23.17
CA ILE C 42 2.27 -18.64 24.29
C ILE C 42 1.93 -17.61 25.30
N VAL C 43 1.83 -18.03 26.56
CA VAL C 43 1.67 -17.10 27.67
C VAL C 43 3.01 -17.00 28.41
N HIS C 44 3.43 -15.76 28.69
CA HIS C 44 4.65 -15.46 29.40
C HIS C 44 4.30 -14.97 30.76
N PHE C 45 5.08 -15.46 31.75
CA PHE C 45 4.93 -15.15 33.15
C PHE C 45 6.22 -14.49 33.72
N GLU C 46 6.05 -13.50 34.61
CA GLU C 46 7.16 -13.02 35.44
C GLU C 46 6.82 -13.30 36.91
N ASN C 47 7.71 -13.96 37.64
CA ASN C 47 7.42 -14.43 39.02
C ASN C 47 6.01 -15.09 39.10
N ASP C 48 5.68 -15.88 38.09
CA ASP C 48 4.41 -16.68 38.03
C ASP C 48 3.10 -15.90 37.73
N ILE C 49 3.28 -14.63 37.38
CA ILE C 49 2.18 -13.75 37.03
C ILE C 49 2.18 -13.49 35.50
N PRO C 50 1.04 -13.71 34.82
CA PRO C 50 1.01 -13.51 33.34
C PRO C 50 1.33 -12.11 32.96
N VAL C 51 2.30 -11.91 32.07
CA VAL C 51 2.55 -10.59 31.61
C VAL C 51 2.37 -10.40 30.12
N GLN C 52 2.29 -11.47 29.34
CA GLN C 52 2.10 -11.27 27.90
C GLN C 52 1.45 -12.49 27.28
N ILE C 53 0.50 -12.28 26.36
CA ILE C 53 0.07 -13.36 25.46
C ILE C 53 0.76 -13.10 24.09
N GLU C 54 1.43 -14.10 23.49
CA GLU C 54 1.94 -13.91 22.12
C GLU C 54 1.12 -14.84 21.25
N ASP C 55 0.23 -14.26 20.49
CA ASP C 55 -0.64 -15.06 19.63
C ASP C 55 -0.14 -14.84 18.20
N ARG C 56 0.50 -15.89 17.66
CA ARG C 56 1.32 -15.83 16.43
C ARG C 56 0.82 -16.76 15.39
N PHE C 57 0.76 -16.28 14.13
CA PHE C 57 0.40 -17.03 12.93
C PHE C 57 1.50 -16.93 11.94
N VAL C 58 1.78 -18.05 11.25
CA VAL C 58 2.91 -18.13 10.35
C VAL C 58 2.43 -18.75 9.04
N ASN C 59 2.85 -18.22 7.89
CA ASN C 59 2.58 -18.91 6.61
C ASN C 59 3.24 -20.31 6.60
N ALA C 60 2.44 -21.39 6.54
CA ALA C 60 2.99 -22.76 6.75
C ALA C 60 4.01 -23.21 5.68
N GLN C 61 3.90 -22.65 4.47
CA GLN C 61 4.84 -22.94 3.38
C GLN C 61 6.21 -22.32 3.61
N VAL C 62 6.25 -21.23 4.41
CA VAL C 62 7.46 -20.53 4.68
C VAL C 62 8.30 -21.25 5.75
N ALA C 63 7.61 -21.88 6.69
CA ALA C 63 8.26 -22.45 7.84
C ALA C 63 7.62 -23.80 8.07
N PRO C 64 7.89 -24.80 7.18
CA PRO C 64 7.22 -26.12 7.27
C PRO C 64 7.38 -26.88 8.57
N ASP C 65 8.45 -26.64 9.32
CA ASP C 65 8.73 -27.44 10.52
C ASP C 65 8.39 -26.72 11.82
N TYR C 66 7.73 -25.57 11.70
CA TYR C 66 7.30 -24.80 12.86
C TYR C 66 6.61 -25.57 13.96
N LEU C 67 5.73 -26.53 13.63
CA LEU C 67 5.04 -27.30 14.70
C LEU C 67 5.93 -28.32 15.39
N LYS C 68 7.13 -28.54 14.86
CA LYS C 68 8.03 -29.52 15.50
C LYS C 68 8.90 -28.89 16.59
N GLN C 69 8.74 -27.60 16.87
CA GLN C 69 9.69 -26.89 17.74
C GLN C 69 9.22 -26.88 19.17
N ASP C 70 10.16 -26.75 20.09
CA ASP C 70 9.88 -26.49 21.52
C ASP C 70 10.09 -25.00 21.80
N PHE C 71 8.99 -24.23 21.89
CA PHE C 71 9.09 -22.80 22.06
C PHE C 71 9.23 -22.35 23.53
N THR C 72 9.54 -23.31 24.39
CA THR C 72 10.01 -22.95 25.71
C THR C 72 11.55 -22.79 25.66
N LEU C 73 12.20 -23.30 24.60
CA LEU C 73 13.66 -23.29 24.43
C LEU C 73 14.21 -22.25 23.41
N GLN C 74 13.33 -21.73 22.55
CA GLN C 74 13.71 -20.67 21.59
C GLN C 74 12.43 -19.94 21.24
N THR C 75 12.44 -18.62 21.05
CA THR C 75 11.16 -17.93 20.80
C THR C 75 10.73 -18.25 19.36
N PRO C 76 9.41 -18.26 19.08
CA PRO C 76 9.00 -18.38 17.65
C PRO C 76 9.74 -17.39 16.73
N TYR C 77 9.91 -16.12 17.13
CA TYR C 77 10.67 -15.14 16.31
C TYR C 77 12.15 -15.55 15.99
N ALA C 78 12.87 -15.96 17.02
CA ALA C 78 14.21 -16.46 16.86
C ALA C 78 14.29 -17.63 15.91
N TYR C 79 13.37 -18.60 16.04
CA TYR C 79 13.32 -19.76 15.23
C TYR C 79 13.04 -19.27 13.80
N LEU C 80 11.99 -18.45 13.61
CA LEU C 80 11.68 -17.99 12.25
C LEU C 80 12.85 -17.27 11.60
N SER C 81 13.56 -16.47 12.40
CA SER C 81 14.71 -15.74 11.84
C SER C 81 15.82 -16.69 11.27
N GLN C 82 15.89 -17.95 11.72
CA GLN C 82 16.85 -18.87 11.18
C GLN C 82 16.29 -19.52 9.94
N VAL C 83 14.99 -19.73 9.91
CA VAL C 83 14.39 -20.43 8.79
C VAL C 83 14.27 -19.60 7.50
N ALA C 84 13.97 -18.30 7.63
CA ALA C 84 13.79 -17.39 6.52
C ALA C 84 14.57 -16.09 6.92
N PRO C 85 15.20 -15.45 5.95
CA PRO C 85 15.80 -14.14 6.16
C PRO C 85 14.70 -13.06 6.38
N LEU C 86 14.52 -12.55 7.59
CA LEU C 86 13.46 -11.58 7.89
C LEU C 86 14.02 -10.17 7.65
N THR C 87 13.39 -9.39 6.79
CA THR C 87 14.07 -8.23 6.19
C THR C 87 13.37 -6.97 6.59
N GLU C 88 12.14 -7.13 7.06
CA GLU C 88 11.29 -5.95 7.35
C GLU C 88 10.26 -6.26 8.43
N GLY C 89 9.93 -5.28 9.28
CA GLY C 89 8.93 -5.54 10.31
C GLY C 89 8.01 -4.36 10.47
N GLU C 90 6.83 -4.60 11.02
CA GLU C 90 5.91 -3.55 11.29
C GLU C 90 5.40 -3.74 12.68
N HIS C 91 5.14 -2.64 13.39
CA HIS C 91 4.45 -2.74 14.67
C HIS C 91 3.33 -1.73 14.74
N VAL C 92 2.24 -2.06 15.41
CA VAL C 92 1.16 -1.08 15.68
C VAL C 92 0.88 -1.26 17.18
N VAL C 93 0.88 -0.18 17.94
CA VAL C 93 0.69 -0.25 19.38
C VAL C 93 -0.58 0.43 19.71
N GLU C 94 -1.50 -0.27 20.40
CA GLU C 94 -2.80 0.31 20.77
C GLU C 94 -3.05 0.01 22.21
N ALA C 95 -3.92 0.82 22.81
CA ALA C 95 -4.45 0.53 24.14
C ALA C 95 -5.86 -0.02 23.91
N ILE C 96 -6.07 -1.24 24.37
CA ILE C 96 -7.36 -1.94 24.14
C ILE C 96 -7.88 -2.61 25.38
N LEU C 97 -9.14 -3.05 25.32
CA LEU C 97 -9.62 -4.10 26.21
C LEU C 97 -9.43 -5.44 25.51
N ALA C 98 -8.92 -6.44 26.25
CA ALA C 98 -8.61 -7.79 25.65
C ALA C 98 -9.87 -8.65 25.49
N GLU C 99 -9.82 -9.72 24.68
CA GLU C 99 -11.00 -10.60 24.53
C GLU C 99 -11.24 -11.37 25.84
N ALA C 100 -12.46 -11.88 26.04
CA ALA C 100 -12.80 -12.60 27.26
C ALA C 100 -11.79 -13.66 27.59
N ASP C 101 -11.48 -14.56 26.66
CA ASP C 101 -10.58 -15.67 26.95
C ASP C 101 -9.12 -15.19 27.15
N GLU C 102 -8.74 -14.10 26.47
CA GLU C 102 -7.40 -13.49 26.73
C GLU C 102 -7.28 -12.93 28.16
N CYS C 103 -8.33 -12.27 28.66
CA CYS C 103 -8.39 -11.79 30.03
C CYS C 103 -8.28 -12.98 31.00
N LYS C 104 -8.96 -14.10 30.70
CA LYS C 104 -8.87 -15.25 31.58
C LYS C 104 -7.45 -15.77 31.60
N LEU C 105 -6.80 -15.84 30.46
CA LEU C 105 -5.42 -16.35 30.40
C LEU C 105 -4.44 -15.43 31.11
N LEU C 106 -4.67 -14.13 30.98
CA LEU C 106 -3.85 -13.12 31.62
C LEU C 106 -4.16 -12.85 33.10
N GLN C 107 -5.20 -13.49 33.62
CA GLN C 107 -5.71 -13.23 34.98
C GLN C 107 -5.90 -11.76 35.28
N ILE C 108 -6.69 -11.10 34.41
CA ILE C 108 -7.07 -9.70 34.62
C ILE C 108 -8.60 -9.65 34.49
N ASP C 109 -9.21 -8.58 35.00
CA ASP C 109 -10.64 -8.33 34.85
C ASP C 109 -10.83 -7.77 33.44
N ALA C 110 -12.04 -7.86 32.92
CA ALA C 110 -12.28 -7.56 31.54
C ALA C 110 -12.04 -6.10 31.22
N GLY C 111 -12.11 -5.26 32.24
CA GLY C 111 -12.07 -3.83 32.07
C GLY C 111 -10.65 -3.29 32.16
N GLU C 112 -9.67 -4.18 32.34
CA GLU C 112 -8.31 -3.75 32.58
C GLU C 112 -7.68 -3.42 31.21
N PRO C 113 -7.23 -2.16 31.04
CA PRO C 113 -6.60 -1.79 29.72
C PRO C 113 -5.30 -2.56 29.51
N CYS C 114 -5.07 -2.98 28.27
CA CYS C 114 -3.91 -3.78 27.90
C CYS C 114 -3.16 -3.06 26.80
N LEU C 115 -1.83 -3.27 26.73
CA LEU C 115 -1.04 -2.72 25.62
C LEU C 115 -1.04 -3.80 24.60
N LEU C 116 -1.49 -3.52 23.38
CA LEU C 116 -1.41 -4.45 22.29
C LEU C 116 -0.31 -3.99 21.36
N ILE C 117 0.58 -4.86 20.96
CA ILE C 117 1.53 -4.59 19.90
C ILE C 117 1.23 -5.61 18.80
N ARG C 118 0.76 -5.15 17.66
CA ARG C 118 0.53 -6.07 16.51
C ARG C 118 1.79 -6.01 15.68
N ARG C 119 2.32 -7.17 15.31
CA ARG C 119 3.60 -7.20 14.62
C ARG C 119 3.42 -7.96 13.32
N ARG C 120 4.03 -7.50 12.25
CA ARG C 120 4.13 -8.30 11.05
C ARG C 120 5.56 -8.27 10.56
N THR C 121 5.97 -9.37 9.92
CA THR C 121 7.34 -9.52 9.50
C THR C 121 7.31 -10.15 8.12
N TRP C 122 8.23 -9.63 7.31
CA TRP C 122 8.30 -9.93 5.85
C TRP C 122 9.70 -10.51 5.59
N SER C 123 9.79 -11.45 4.63
CA SER C 123 11.06 -11.95 4.12
C SER C 123 11.04 -11.55 2.66
N GLY C 124 11.78 -10.52 2.30
CA GLY C 124 11.67 -9.92 0.96
C GLY C 124 10.27 -9.31 0.87
N ARG C 125 9.53 -9.57 -0.20
CA ARG C 125 8.20 -8.94 -0.25
C ARG C 125 7.14 -9.80 0.41
N GLN C 126 7.52 -11.02 0.83
CA GLN C 126 6.52 -11.94 1.32
C GLN C 126 6.20 -11.88 2.83
N PRO C 127 4.91 -11.77 3.22
CA PRO C 127 4.62 -11.77 4.66
C PRO C 127 4.85 -13.13 5.26
N VAL C 128 5.43 -13.17 6.43
CA VAL C 128 5.90 -14.45 6.95
C VAL C 128 5.05 -14.83 8.14
N THR C 129 4.80 -13.84 8.99
CA THR C 129 4.20 -14.09 10.30
C THR C 129 3.53 -12.82 10.78
N ALA C 130 2.44 -12.98 11.54
CA ALA C 130 1.70 -11.87 12.15
C ALA C 130 1.39 -12.32 13.63
N ALA C 131 1.67 -11.48 14.62
CA ALA C 131 1.50 -11.88 16.00
C ALA C 131 0.75 -10.76 16.68
N ARG C 132 0.05 -11.07 17.75
CA ARG C 132 -0.49 -10.05 18.60
C ARG C 132 0.12 -10.34 19.93
N LEU C 133 0.82 -9.34 20.46
CA LEU C 133 1.35 -9.40 21.82
C LEU C 133 0.43 -8.58 22.72
N ILE C 134 -0.19 -9.23 23.68
CA ILE C 134 -1.14 -8.52 24.53
C ILE C 134 -0.60 -8.50 25.94
N HIS C 135 -0.51 -7.31 26.57
CA HIS C 135 0.11 -7.22 27.93
C HIS C 135 -0.87 -6.55 28.86
N PRO C 136 -1.09 -7.06 30.10
CA PRO C 136 -1.85 -6.26 31.04
C PRO C 136 -1.23 -4.90 31.21
N GLY C 137 -2.04 -3.86 31.21
CA GLY C 137 -1.42 -2.54 31.23
C GLY C 137 -0.77 -2.19 32.54
N SER C 138 -1.18 -2.86 33.62
CA SER C 138 -0.60 -2.61 34.95
C SER C 138 0.69 -3.40 35.17
N ARG C 139 1.05 -4.27 34.23
CA ARG C 139 2.18 -5.18 34.42
C ARG C 139 3.31 -5.02 33.42
N HIS C 140 3.17 -4.11 32.46
CA HIS C 140 4.19 -3.98 31.40
C HIS C 140 4.10 -2.58 30.77
N ARG C 141 5.24 -1.97 30.48
CA ARG C 141 5.29 -0.67 29.81
C ARG C 141 6.36 -0.76 28.76
N LEU C 142 6.25 0.00 27.67
CA LEU C 142 7.31 0.03 26.67
C LEU C 142 8.20 1.19 27.12
N GLU C 143 9.50 1.03 27.09
CA GLU C 143 10.37 2.11 27.59
C GLU C 143 11.51 2.27 26.59
N GLY C 144 11.91 3.50 26.31
CA GLY C 144 13.17 3.63 25.56
C GLY C 144 13.76 4.99 25.59
N ARG C 145 14.97 5.10 25.03
CA ARG C 145 15.65 6.39 24.97
C ARG C 145 16.35 6.47 23.61
N PHE C 146 16.37 7.66 23.01
CA PHE C 146 16.85 7.84 21.64
C PHE C 146 17.50 9.19 21.45
N THR C 147 18.61 9.25 20.73
CA THR C 147 19.14 10.59 20.40
C THR C 147 18.30 11.23 19.28
N LYS C 148 18.53 12.53 19.06
CA LYS C 148 17.68 13.37 18.22
C LYS C 148 18.48 14.12 17.17
N ARG D 8 -9.54 18.53 9.59
CA ARG D 8 -9.40 19.78 10.39
C ARG D 8 -8.87 19.49 11.79
N HIS D 9 -7.65 19.93 12.05
CA HIS D 9 -7.04 19.78 13.34
C HIS D 9 -7.10 21.10 14.02
N THR D 10 -7.44 21.09 15.30
CA THR D 10 -7.62 22.30 16.02
C THR D 10 -7.14 21.96 17.39
N CYS D 11 -6.80 22.96 18.17
CA CYS D 11 -6.49 22.72 19.57
C CYS D 11 -6.88 23.86 20.49
N LYS D 12 -7.05 23.54 21.75
CA LYS D 12 -7.44 24.53 22.72
C LYS D 12 -6.34 24.48 23.78
N VAL D 13 -5.71 25.61 24.02
CA VAL D 13 -4.78 25.75 25.13
C VAL D 13 -5.63 25.94 26.39
N MSE D 14 -5.66 24.91 27.23
CA MSE D 14 -6.51 24.95 28.45
C MSE D 14 -5.78 25.63 29.57
O MSE D 14 -6.40 26.32 30.37
CB MSE D 14 -6.91 23.55 28.93
CG MSE D 14 -7.63 22.69 27.86
SE MSE D 14 -9.30 23.58 27.22
CE MSE D 14 -10.21 23.58 28.98
N VAL D 15 -4.48 25.35 29.69
CA VAL D 15 -3.64 26.06 30.69
C VAL D 15 -2.30 26.52 30.12
N LEU D 16 -1.88 27.73 30.45
CA LEU D 16 -0.51 28.19 30.13
C LEU D 16 -0.13 29.08 31.25
N LYS D 17 0.66 28.57 32.20
CA LYS D 17 1.04 29.42 33.33
C LYS D 17 2.37 29.05 34.00
N GLU D 18 2.81 29.92 34.89
CA GLU D 18 3.96 29.57 35.78
C GLU D 18 3.44 28.96 37.10
N GLU D 19 4.13 27.94 37.59
CA GLU D 19 3.71 27.17 38.74
C GLU D 19 4.99 26.70 39.44
N ALA D 20 4.90 26.39 40.72
CA ALA D 20 6.00 25.74 41.43
C ALA D 20 6.11 24.33 40.90
N ALA D 21 7.34 23.82 40.78
CA ALA D 21 7.50 22.47 40.20
C ALA D 21 6.74 21.41 41.00
N GLY D 22 6.75 21.51 42.34
CA GLY D 22 6.15 20.43 43.18
C GLY D 22 7.02 19.18 43.08
N SER D 23 6.68 18.10 43.77
CA SER D 23 7.57 16.88 43.91
C SER D 23 7.87 16.12 42.62
N GLU D 24 6.81 15.80 41.87
CA GLU D 24 6.96 14.97 40.69
C GLU D 24 7.74 15.73 39.58
N ARG D 25 7.38 16.98 39.33
CA ARG D 25 8.16 17.74 38.32
C ARG D 25 9.56 18.06 38.79
N ALA D 26 9.74 18.34 40.09
CA ALA D 26 11.11 18.58 40.58
C ALA D 26 12.02 17.39 40.30
N LEU D 27 11.50 16.19 40.60
CA LEU D 27 12.22 14.96 40.39
C LEU D 27 12.54 14.76 38.90
N ALA D 28 11.53 14.92 38.04
CA ALA D 28 11.73 14.79 36.56
C ALA D 28 12.83 15.66 35.99
N LEU D 29 12.93 16.89 36.47
CA LEU D 29 13.81 17.92 35.92
C LEU D 29 15.01 18.30 36.80
N ASP D 30 15.31 17.48 37.81
CA ASP D 30 16.31 17.78 38.87
C ASP D 30 16.25 19.23 39.34
N MSE D 31 15.11 19.62 39.90
CA MSE D 31 14.93 20.96 40.45
C MSE D 31 14.47 20.82 41.89
O MSE D 31 14.21 19.72 42.32
CB MSE D 31 13.83 21.71 39.70
CG MSE D 31 14.09 21.81 38.22
SE MSE D 31 12.45 22.41 37.34
CE MSE D 31 12.24 24.10 38.11
N ARG D 32 14.42 21.92 42.63
CA ARG D 32 13.86 21.95 43.93
C ARG D 32 12.35 22.24 43.69
N GLU D 33 11.54 21.98 44.71
CA GLU D 33 10.11 21.97 44.56
C GLU D 33 9.48 23.30 44.39
N GLY D 34 10.07 24.31 44.99
CA GLY D 34 9.62 25.73 44.91
C GLY D 34 10.06 26.49 43.63
N GLN D 35 10.98 25.87 42.89
CA GLN D 35 11.49 26.38 41.61
C GLN D 35 10.40 26.40 40.55
N ARG D 36 10.39 27.47 39.77
CA ARG D 36 9.33 27.69 38.80
C ARG D 36 9.46 26.85 37.55
N VAL D 37 8.33 26.23 37.17
CA VAL D 37 8.15 25.66 35.89
C VAL D 37 7.04 26.41 35.12
N PHE D 38 7.08 26.30 33.80
CA PHE D 38 5.92 26.65 33.05
C PHE D 38 5.21 25.38 32.67
N HIS D 39 3.88 25.48 32.63
CA HIS D 39 3.01 24.33 32.47
C HIS D 39 2.03 24.66 31.35
N SER D 40 1.94 23.79 30.35
CA SER D 40 0.87 23.99 29.36
C SER D 40 0.02 22.73 29.33
N LEU D 41 -1.29 22.92 29.17
CA LEU D 41 -2.16 21.78 28.95
C LEU D 41 -2.98 22.09 27.68
N ILE D 42 -2.81 21.26 26.66
CA ILE D 42 -3.39 21.55 25.33
C ILE D 42 -4.22 20.37 24.94
N VAL D 43 -5.43 20.60 24.47
CA VAL D 43 -6.22 19.47 23.89
C VAL D 43 -6.30 19.65 22.39
N HIS D 44 -6.00 18.54 21.69
CA HIS D 44 -5.97 18.43 20.25
C HIS D 44 -7.21 17.74 19.81
N PHE D 45 -7.71 18.15 18.64
CA PHE D 45 -9.00 17.72 18.09
C PHE D 45 -8.79 17.39 16.62
N GLU D 46 -9.41 16.29 16.18
CA GLU D 46 -9.64 16.03 14.78
C GLU D 46 -11.13 16.09 14.56
N ASN D 47 -11.52 16.98 13.65
CA ASN D 47 -12.90 17.18 13.29
C ASN D 47 -13.76 17.24 14.51
N ASP D 48 -13.34 18.13 15.43
CA ASP D 48 -14.06 18.48 16.65
C ASP D 48 -14.14 17.30 17.64
N ILE D 49 -13.34 16.26 17.40
CA ILE D 49 -13.27 15.14 18.34
C ILE D 49 -11.93 15.18 19.10
N PRO D 50 -11.92 15.22 20.45
CA PRO D 50 -10.58 15.22 21.14
C PRO D 50 -9.75 14.00 20.84
N VAL D 51 -8.49 14.17 20.45
CA VAL D 51 -7.67 13.02 20.26
C VAL D 51 -6.39 12.95 21.11
N GLN D 52 -6.02 14.04 21.81
CA GLN D 52 -4.84 13.98 22.67
C GLN D 52 -4.91 15.07 23.73
N ILE D 53 -4.54 14.76 24.97
CA ILE D 53 -4.17 15.79 25.88
C ILE D 53 -2.63 15.76 25.94
N GLU D 54 -2.02 16.94 25.72
CA GLU D 54 -0.57 17.19 26.04
C GLU D 54 -0.44 18.03 27.28
N ASP D 55 0.03 17.42 28.36
CA ASP D 55 0.21 18.10 29.67
C ASP D 55 1.73 18.18 29.92
N ARG D 56 2.32 19.39 29.76
CA ARG D 56 3.71 19.54 29.58
C ARG D 56 4.27 20.54 30.57
N PHE D 57 5.49 20.32 30.98
CA PHE D 57 6.17 21.26 31.86
C PHE D 57 7.55 21.48 31.40
N VAL D 58 8.07 22.66 31.62
CA VAL D 58 9.41 23.02 31.23
C VAL D 58 10.09 23.82 32.33
N ASN D 59 11.38 23.61 32.48
CA ASN D 59 12.15 24.34 33.44
C ASN D 59 12.10 25.83 32.96
N ALA D 60 11.61 26.72 33.81
CA ALA D 60 11.41 28.13 33.45
C ALA D 60 12.69 28.88 33.12
N GLN D 61 13.78 28.41 33.72
CA GLN D 61 15.09 28.99 33.44
C GLN D 61 15.64 28.64 32.05
N VAL D 62 15.16 27.55 31.48
CA VAL D 62 15.62 27.09 30.18
C VAL D 62 14.88 27.72 28.97
N ALA D 63 13.55 27.93 29.09
CA ALA D 63 12.75 28.53 28.06
C ALA D 63 12.02 29.70 28.70
N PRO D 64 12.74 30.81 29.00
CA PRO D 64 12.06 31.87 29.73
C PRO D 64 10.88 32.61 29.00
N ASP D 65 10.77 32.43 27.69
CA ASP D 65 9.73 33.13 26.90
C ASP D 65 8.61 32.17 26.52
N TYR D 66 8.59 31.00 27.14
CA TYR D 66 7.58 29.98 26.79
C TYR D 66 6.11 30.50 26.88
N LEU D 67 5.78 31.27 27.91
CA LEU D 67 4.41 31.79 28.11
C LEU D 67 4.03 32.87 27.05
N LYS D 68 5.00 33.29 26.28
CA LYS D 68 4.71 34.31 25.25
C LYS D 68 4.15 33.77 23.97
N GLN D 69 4.05 32.45 23.88
CA GLN D 69 3.80 31.82 22.60
C GLN D 69 2.33 31.54 22.48
N ASP D 70 1.87 31.50 21.25
CA ASP D 70 0.53 31.11 20.95
C ASP D 70 0.66 29.70 20.39
N PHE D 71 0.47 28.74 21.29
CA PHE D 71 0.53 27.30 20.96
C PHE D 71 -0.68 26.80 20.22
N THR D 72 -1.52 27.68 19.75
CA THR D 72 -2.44 27.23 18.70
C THR D 72 -1.76 27.38 17.33
N LEU D 73 -0.60 28.05 17.26
CA LEU D 73 0.09 28.29 15.95
C LEU D 73 1.28 27.39 15.68
N GLN D 74 1.85 26.82 16.76
CA GLN D 74 2.98 25.94 16.74
C GLN D 74 2.98 25.14 18.04
N THR D 75 3.56 23.93 18.01
CA THR D 75 3.50 23.02 19.16
C THR D 75 4.56 23.48 20.15
N PRO D 76 4.32 23.21 21.45
CA PRO D 76 5.34 23.47 22.47
C PRO D 76 6.67 22.81 22.12
N TYR D 77 6.63 21.63 21.54
CA TYR D 77 7.87 20.89 21.31
C TYR D 77 8.73 21.64 20.24
N ALA D 78 8.08 22.05 19.15
CA ALA D 78 8.72 22.72 18.02
C ALA D 78 9.20 24.09 18.45
N TYR D 79 8.50 24.69 19.37
CA TYR D 79 8.96 25.87 20.01
C TYR D 79 10.23 25.57 20.82
N LEU D 80 10.20 24.60 21.76
CA LEU D 80 11.42 24.34 22.58
C LEU D 80 12.65 23.96 21.74
N SER D 81 12.40 23.32 20.61
CA SER D 81 13.45 22.90 19.68
C SER D 81 14.28 24.05 19.26
N GLN D 82 13.64 25.21 19.26
CA GLN D 82 14.25 26.43 18.76
C GLN D 82 14.93 27.24 19.84
N VAL D 83 14.64 26.97 21.12
CA VAL D 83 15.30 27.72 22.15
C VAL D 83 16.53 27.06 22.76
N ALA D 84 16.62 25.74 22.64
CA ALA D 84 17.77 24.98 23.15
C ALA D 84 17.92 23.79 22.27
N PRO D 85 19.18 23.34 22.07
CA PRO D 85 19.37 22.13 21.26
C PRO D 85 18.84 20.96 22.05
N LEU D 86 17.82 20.31 21.53
CA LEU D 86 17.22 19.10 22.14
C LEU D 86 17.91 17.91 21.54
N THR D 87 18.60 17.14 22.39
CA THR D 87 19.58 16.12 21.89
C THR D 87 19.24 14.65 22.18
N GLU D 88 18.36 14.43 23.16
CA GLU D 88 18.00 13.07 23.64
C GLU D 88 16.60 13.11 24.21
N GLY D 89 15.82 12.05 24.00
CA GLY D 89 14.48 11.94 24.57
C GLY D 89 14.26 10.53 25.17
N GLU D 90 13.42 10.40 26.19
CA GLU D 90 13.08 9.12 26.78
C GLU D 90 11.60 9.06 26.65
N HIS D 91 11.05 7.86 26.59
CA HIS D 91 9.62 7.70 26.56
C HIS D 91 9.25 6.40 27.24
N VAL D 92 8.00 6.36 27.71
CA VAL D 92 7.43 5.23 28.39
C VAL D 92 6.00 5.22 27.82
N VAL D 93 5.56 4.11 27.26
CA VAL D 93 4.21 3.96 26.73
C VAL D 93 3.46 2.91 27.59
N GLU D 94 2.23 3.25 27.99
CA GLU D 94 1.45 2.40 28.84
C GLU D 94 0.00 2.45 28.42
N ALA D 95 -0.76 1.39 28.75
CA ALA D 95 -2.19 1.36 28.54
C ALA D 95 -2.84 1.60 29.90
N ILE D 96 -3.63 2.66 29.97
CA ILE D 96 -4.15 3.13 31.29
C ILE D 96 -5.63 3.49 31.17
N LEU D 97 -6.28 3.66 32.31
CA LEU D 97 -7.51 4.44 32.36
C LEU D 97 -7.13 5.89 32.71
N ALA D 98 -7.75 6.87 32.05
CA ALA D 98 -7.44 8.27 32.32
C ALA D 98 -8.07 8.78 33.65
N GLU D 99 -7.57 9.90 34.16
CA GLU D 99 -8.20 10.52 35.37
C GLU D 99 -9.55 11.03 34.93
N ALA D 100 -10.46 11.16 35.89
CA ALA D 100 -11.82 11.67 35.66
C ALA D 100 -11.87 12.96 34.86
N ASP D 101 -11.01 13.91 35.20
CA ASP D 101 -10.89 15.22 34.50
C ASP D 101 -10.36 15.08 33.04
N GLU D 102 -9.47 14.11 32.84
CA GLU D 102 -8.93 13.81 31.52
C GLU D 102 -10.01 13.18 30.63
N CYS D 103 -10.78 12.26 31.21
CA CYS D 103 -11.91 11.67 30.50
C CYS D 103 -12.88 12.78 30.05
N LYS D 104 -13.12 13.77 30.91
CA LYS D 104 -14.02 14.86 30.57
C LYS D 104 -13.45 15.72 29.41
N LEU D 105 -12.14 16.03 29.40
CA LEU D 105 -11.56 16.89 28.36
C LEU D 105 -11.49 16.17 27.05
N LEU D 106 -11.34 14.85 27.14
CA LEU D 106 -11.14 13.96 25.96
C LEU D 106 -12.50 13.43 25.43
N GLN D 107 -13.57 13.75 26.18
CA GLN D 107 -14.94 13.24 25.90
C GLN D 107 -14.96 11.73 25.59
N ILE D 108 -14.53 10.94 26.58
CA ILE D 108 -14.43 9.47 26.47
C ILE D 108 -15.11 8.88 27.68
N ASP D 109 -15.50 7.62 27.51
CA ASP D 109 -16.06 6.80 28.59
C ASP D 109 -15.00 6.67 29.69
N ALA D 110 -15.41 6.60 30.95
CA ALA D 110 -14.45 6.41 32.06
C ALA D 110 -13.60 5.15 31.84
N GLY D 111 -14.21 4.12 31.24
CA GLY D 111 -13.59 2.83 31.01
C GLY D 111 -12.77 2.75 29.72
N GLU D 112 -12.70 3.83 28.95
CA GLU D 112 -12.00 3.79 27.67
C GLU D 112 -10.50 3.55 27.92
N PRO D 113 -9.93 2.47 27.35
CA PRO D 113 -8.47 2.33 27.47
C PRO D 113 -7.74 3.45 26.73
N CYS D 114 -6.67 4.02 27.30
CA CYS D 114 -5.95 5.13 26.68
C CYS D 114 -4.49 4.79 26.57
N LEU D 115 -3.82 5.28 25.51
CA LEU D 115 -2.35 5.19 25.40
C LEU D 115 -1.77 6.31 26.17
N LEU D 116 -0.99 6.04 27.20
CA LEU D 116 -0.25 7.10 27.92
C LEU D 116 1.17 7.11 27.36
N ILE D 117 1.67 8.29 26.93
CA ILE D 117 3.08 8.44 26.55
C ILE D 117 3.66 9.49 27.47
N ARG D 118 4.64 9.09 28.25
CA ARG D 118 5.32 10.02 29.13
C ARG D 118 6.65 10.19 28.50
N ARG D 119 7.06 11.44 28.37
CA ARG D 119 8.28 11.79 27.66
C ARG D 119 9.06 12.72 28.54
N ARG D 120 10.37 12.64 28.38
CA ARG D 120 11.26 13.66 28.89
C ARG D 120 12.34 13.91 27.83
N THR D 121 12.64 15.18 27.59
CA THR D 121 13.62 15.57 26.61
C THR D 121 14.75 16.40 27.27
N TRP D 122 15.95 16.20 26.73
CA TRP D 122 17.18 16.68 27.30
C TRP D 122 17.95 17.52 26.32
N SER D 123 18.68 18.50 26.89
CA SER D 123 19.67 19.32 26.16
C SER D 123 20.99 18.97 26.75
N GLY D 124 21.68 18.05 26.10
CA GLY D 124 22.88 17.51 26.70
C GLY D 124 22.55 16.79 27.99
N ARG D 125 23.20 17.17 29.10
CA ARG D 125 22.95 16.48 30.38
C ARG D 125 21.87 17.14 31.27
N GLN D 126 21.23 18.20 30.78
CA GLN D 126 20.11 18.87 31.49
C GLN D 126 18.72 18.40 31.01
N PRO D 127 17.85 17.89 31.95
CA PRO D 127 16.50 17.66 31.49
C PRO D 127 15.72 18.98 31.37
N VAL D 128 15.12 19.18 30.22
CA VAL D 128 14.57 20.40 29.86
C VAL D 128 13.01 20.39 30.06
N THR D 129 12.33 19.34 29.56
CA THR D 129 10.89 19.40 29.56
C THR D 129 10.42 17.93 29.73
N ALA D 130 9.21 17.80 30.25
CA ALA D 130 8.61 16.49 30.40
C ALA D 130 7.12 16.59 30.10
N ALA D 131 6.50 15.52 29.64
CA ALA D 131 5.11 15.68 29.23
C ALA D 131 4.39 14.39 29.46
N ARG D 132 3.11 14.49 29.68
CA ARG D 132 2.27 13.32 29.78
C ARG D 132 1.30 13.53 28.63
N LEU D 133 1.32 12.63 27.65
CA LEU D 133 0.45 12.69 26.49
C LEU D 133 -0.64 11.59 26.54
N ILE D 134 -1.92 11.94 26.58
CA ILE D 134 -2.91 10.90 26.77
C ILE D 134 -3.80 10.85 25.58
N HIS D 135 -3.98 9.67 24.99
CA HIS D 135 -4.77 9.54 23.74
C HIS D 135 -5.85 8.48 24.01
N PRO D 136 -7.14 8.76 23.70
CA PRO D 136 -8.09 7.63 23.76
C PRO D 136 -7.65 6.48 22.87
N GLY D 137 -7.76 5.25 23.37
CA GLY D 137 -7.33 4.05 22.65
C GLY D 137 -8.00 3.86 21.29
N SER D 138 -9.25 4.27 21.20
CA SER D 138 -10.01 4.17 19.98
C SER D 138 -9.56 5.22 18.95
N ARG D 139 -8.70 6.15 19.34
CA ARG D 139 -8.54 7.36 18.53
C ARG D 139 -7.13 7.59 18.08
N HIS D 140 -6.20 6.80 18.61
CA HIS D 140 -4.79 6.95 18.17
C HIS D 140 -4.11 5.61 18.22
N ARG D 141 -3.08 5.38 17.40
CA ARG D 141 -2.15 4.26 17.64
C ARG D 141 -0.80 4.72 17.18
N LEU D 142 0.25 4.00 17.60
CA LEU D 142 1.65 4.25 17.19
C LEU D 142 1.92 3.24 16.14
N GLU D 143 2.50 3.64 15.01
CA GLU D 143 2.71 2.70 13.92
C GLU D 143 4.14 2.86 13.45
N GLY D 144 4.79 1.77 13.09
CA GLY D 144 6.14 1.87 12.52
C GLY D 144 6.40 0.70 11.63
N ARG D 145 7.14 0.89 10.54
CA ARG D 145 7.49 -0.18 9.64
C ARG D 145 8.90 0.14 9.20
N PHE D 146 9.78 -0.85 9.11
CA PHE D 146 11.22 -0.54 9.06
C PHE D 146 11.94 -1.72 8.49
N THR D 147 12.99 -1.46 7.71
CA THR D 147 13.85 -2.55 7.28
C THR D 147 14.71 -3.02 8.49
N LYS D 148 15.17 -4.27 8.44
CA LYS D 148 15.97 -4.85 9.50
C LYS D 148 17.45 -4.65 9.17
N HIS E 7 -6.48 0.41 -41.07
CA HIS E 7 -5.29 1.22 -40.68
C HIS E 7 -4.02 0.46 -41.09
N ARG E 8 -3.07 1.14 -41.76
CA ARG E 8 -1.72 0.55 -41.89
C ARG E 8 -0.86 0.87 -40.65
N HIS E 9 -0.75 -0.10 -39.74
CA HIS E 9 -0.02 0.08 -38.47
C HIS E 9 1.48 -0.16 -38.63
N THR E 10 2.29 0.80 -38.16
CA THR E 10 3.75 0.69 -38.15
C THR E 10 4.33 1.33 -36.88
N CYS E 11 5.58 0.97 -36.59
CA CYS E 11 6.28 1.48 -35.41
C CYS E 11 7.79 1.71 -35.63
N LYS E 12 8.37 2.52 -34.75
CA LYS E 12 9.77 2.85 -34.78
C LYS E 12 10.25 2.80 -33.33
N VAL E 13 11.27 1.99 -33.09
CA VAL E 13 11.90 1.89 -31.78
C VAL E 13 12.93 3.03 -31.68
N MSE E 14 12.66 4.01 -30.83
CA MSE E 14 13.53 5.21 -30.83
C MSE E 14 14.63 5.02 -29.77
O MSE E 14 15.67 5.69 -29.85
CB MSE E 14 12.77 6.49 -30.44
CG MSE E 14 11.58 6.87 -31.25
SE MSE E 14 12.20 7.41 -32.99
CE MSE E 14 11.95 5.65 -33.63
N VAL E 15 14.35 4.25 -28.71
CA VAL E 15 15.34 4.21 -27.59
C VAL E 15 15.34 2.76 -27.20
N LEU E 16 16.50 2.16 -27.00
CA LEU E 16 16.48 0.86 -26.38
C LEU E 16 17.82 0.83 -25.66
N LYS E 17 17.83 1.11 -24.36
CA LYS E 17 19.13 1.14 -23.71
C LYS E 17 19.03 0.78 -22.23
N GLU E 18 20.19 0.44 -21.68
CA GLU E 18 20.29 0.28 -20.23
C GLU E 18 20.60 1.62 -19.54
N GLU E 19 20.06 1.82 -18.34
CA GLU E 19 20.34 3.06 -17.59
C GLU E 19 20.07 2.87 -16.10
N ALA E 20 20.47 3.84 -15.23
CA ALA E 20 20.16 3.75 -13.79
C ALA E 20 18.68 3.91 -13.59
N ALA E 21 18.10 3.23 -12.58
CA ALA E 21 16.70 3.50 -12.29
C ALA E 21 16.53 5.01 -11.98
N GLY E 22 17.40 5.60 -11.16
CA GLY E 22 17.20 7.00 -10.75
C GLY E 22 15.95 7.16 -9.91
N SER E 23 15.55 8.40 -9.62
CA SER E 23 14.57 8.63 -8.61
C SER E 23 13.12 8.21 -9.02
N GLU E 24 12.75 8.39 -10.29
CA GLU E 24 11.40 8.07 -10.71
C GLU E 24 11.17 6.57 -10.82
N ARG E 25 12.07 5.84 -11.46
CA ARG E 25 11.91 4.37 -11.58
C ARG E 25 12.04 3.65 -10.32
N ALA E 26 12.85 4.19 -9.40
CA ALA E 26 12.88 3.68 -8.04
C ALA E 26 11.50 3.68 -7.39
N LEU E 27 10.77 4.78 -7.52
CA LEU E 27 9.41 4.82 -7.02
C LEU E 27 8.44 3.89 -7.79
N ALA E 28 8.50 3.97 -9.10
CA ALA E 28 7.63 3.22 -10.00
C ALA E 28 7.81 1.71 -9.85
N LEU E 29 9.04 1.22 -9.67
CA LEU E 29 9.29 -0.23 -9.68
C LEU E 29 9.85 -0.79 -8.36
N ASP E 30 9.72 -0.01 -7.29
CA ASP E 30 10.22 -0.40 -5.95
C ASP E 30 11.66 -0.90 -5.99
N MSE E 31 12.51 -0.07 -6.58
CA MSE E 31 13.90 -0.43 -6.76
C MSE E 31 14.71 0.63 -6.05
O MSE E 31 14.17 1.67 -5.71
CB MSE E 31 14.23 -0.36 -8.27
CG MSE E 31 13.44 -1.33 -9.12
SE MSE E 31 13.90 -1.24 -11.03
CE MSE E 31 14.67 0.50 -10.91
N ARG E 32 16.01 0.38 -5.93
CA ARG E 32 16.95 1.42 -5.48
C ARG E 32 17.39 2.25 -6.70
N GLU E 33 17.75 3.51 -6.46
CA GLU E 33 18.03 4.43 -7.56
C GLU E 33 19.24 4.01 -8.43
N GLY E 34 20.20 3.27 -7.86
CA GLY E 34 21.39 2.85 -8.63
C GLY E 34 21.25 1.48 -9.28
N GLN E 35 20.11 0.84 -9.09
CA GLN E 35 19.88 -0.42 -9.82
C GLN E 35 19.66 -0.12 -11.32
N ARG E 36 19.97 -1.09 -12.17
CA ARG E 36 19.90 -0.87 -13.63
C ARG E 36 18.53 -1.20 -14.15
N VAL E 37 18.03 -0.41 -15.09
CA VAL E 37 16.81 -0.76 -15.75
C VAL E 37 17.06 -0.83 -17.25
N PHE E 38 16.15 -1.48 -17.98
CA PHE E 38 16.18 -1.32 -19.47
C PHE E 38 15.05 -0.39 -19.85
N HIS E 39 15.25 0.36 -20.91
CA HIS E 39 14.33 1.41 -21.30
C HIS E 39 14.14 1.28 -22.81
N SER E 40 12.88 1.14 -23.21
CA SER E 40 12.49 1.19 -24.61
C SER E 40 11.53 2.36 -24.85
N LEU E 41 11.64 3.04 -25.98
CA LEU E 41 10.61 4.01 -26.26
C LEU E 41 10.22 3.77 -27.68
N ILE E 42 8.95 3.56 -27.96
CA ILE E 42 8.56 3.13 -29.27
C ILE E 42 7.50 4.09 -29.63
N VAL E 43 7.53 4.52 -30.89
CA VAL E 43 6.45 5.34 -31.50
C VAL E 43 5.63 4.48 -32.47
N HIS E 44 4.32 4.52 -32.32
CA HIS E 44 3.40 3.80 -33.18
C HIS E 44 2.67 4.77 -34.07
N PHE E 45 2.50 4.38 -35.34
CA PHE E 45 1.87 5.15 -36.39
C PHE E 45 0.66 4.40 -36.97
N GLU E 46 -0.39 5.14 -37.34
CA GLU E 46 -1.50 4.60 -38.13
C GLU E 46 -1.54 5.46 -39.39
N ASN E 47 -1.47 4.81 -40.56
CA ASN E 47 -1.28 5.51 -41.86
C ASN E 47 -0.22 6.61 -41.72
N ASP E 48 0.92 6.28 -41.10
CA ASP E 48 2.07 7.17 -41.00
C ASP E 48 1.95 8.38 -40.09
N ILE E 49 0.89 8.40 -39.26
CA ILE E 49 0.64 9.46 -38.32
C ILE E 49 0.85 8.96 -36.89
N PRO E 50 1.74 9.60 -36.10
CA PRO E 50 1.99 9.04 -34.75
C PRO E 50 0.72 8.98 -33.92
N VAL E 51 0.38 7.82 -33.33
CA VAL E 51 -0.78 7.76 -32.43
C VAL E 51 -0.47 7.35 -30.99
N GLN E 52 0.75 6.93 -30.69
CA GLN E 52 1.11 6.56 -29.32
C GLN E 52 2.61 6.65 -29.13
N ILE E 53 3.04 7.19 -27.99
CA ILE E 53 4.37 6.81 -27.49
C ILE E 53 4.25 5.75 -26.42
N GLU E 54 5.01 4.64 -26.49
CA GLU E 54 5.10 3.72 -25.36
C GLU E 54 6.50 3.86 -24.79
N ASP E 55 6.61 4.42 -23.60
CA ASP E 55 7.93 4.69 -22.98
C ASP E 55 7.96 3.78 -21.78
N ARG E 56 8.76 2.72 -21.88
CA ARG E 56 8.63 1.55 -20.99
C ARG E 56 9.93 1.36 -20.30
N PHE E 57 9.87 1.01 -19.00
CA PHE E 57 11.01 0.69 -18.23
C PHE E 57 10.86 -0.71 -17.62
N VAL E 58 11.95 -1.46 -17.61
CA VAL E 58 11.96 -2.84 -17.15
C VAL E 58 13.05 -3.07 -16.11
N ASN E 59 12.75 -3.72 -14.98
CA ASN E 59 13.83 -4.22 -14.05
C ASN E 59 14.82 -5.13 -14.79
N ALA E 60 16.08 -4.70 -14.96
CA ALA E 60 17.00 -5.42 -15.86
C ALA E 60 17.29 -6.84 -15.41
N GLN E 61 17.24 -7.08 -14.10
CA GLN E 61 17.44 -8.42 -13.53
C GLN E 61 16.34 -9.42 -13.96
N VAL E 62 15.11 -8.90 -14.17
CA VAL E 62 13.97 -9.73 -14.52
C VAL E 62 13.99 -10.19 -15.97
N ALA E 63 14.46 -9.32 -16.86
CA ALA E 63 14.45 -9.63 -18.28
C ALA E 63 15.83 -9.31 -18.84
N PRO E 64 16.85 -10.15 -18.51
CA PRO E 64 18.25 -9.81 -18.89
C PRO E 64 18.54 -9.64 -20.41
N ASP E 65 17.72 -10.20 -21.28
CA ASP E 65 17.93 -10.12 -22.76
C ASP E 65 16.98 -9.16 -23.47
N TYR E 66 16.37 -8.27 -22.67
CA TYR E 66 15.42 -7.29 -23.24
C TYR E 66 16.03 -6.43 -24.37
N LEU E 67 17.28 -5.94 -24.19
CA LEU E 67 17.98 -5.18 -25.26
C LEU E 67 18.33 -5.97 -26.57
N LYS E 68 18.14 -7.29 -26.58
CA LYS E 68 18.51 -8.05 -27.76
C LYS E 68 17.34 -8.29 -28.68
N GLN E 69 16.18 -7.76 -28.32
CA GLN E 69 15.00 -8.06 -29.08
C GLN E 69 14.73 -7.01 -30.16
N ASP E 70 14.01 -7.48 -31.18
CA ASP E 70 13.40 -6.64 -32.24
C ASP E 70 11.89 -6.37 -31.92
N PHE E 71 11.62 -5.18 -31.34
CA PHE E 71 10.27 -4.83 -30.84
C PHE E 71 9.36 -4.28 -31.93
N THR E 72 9.92 -4.39 -33.14
CA THR E 72 9.23 -4.15 -34.38
C THR E 72 8.48 -5.48 -34.79
N LEU E 73 8.92 -6.60 -34.25
CA LEU E 73 8.39 -7.92 -34.55
C LEU E 73 7.56 -8.57 -33.41
N GLN E 74 7.72 -8.07 -32.18
CA GLN E 74 6.97 -8.58 -31.05
C GLN E 74 6.81 -7.43 -30.08
N THR E 75 5.64 -7.16 -29.50
CA THR E 75 5.59 -6.02 -28.49
C THR E 75 6.52 -6.27 -27.29
N PRO E 76 7.07 -5.21 -26.66
CA PRO E 76 7.70 -5.44 -25.34
C PRO E 76 6.85 -6.20 -24.33
N TYR E 77 5.56 -5.89 -24.22
CA TYR E 77 4.74 -6.60 -23.24
C TYR E 77 4.63 -8.11 -23.58
N ALA E 78 4.36 -8.43 -24.85
CA ALA E 78 4.39 -9.82 -25.36
C ALA E 78 5.68 -10.56 -25.01
N TYR E 79 6.82 -9.92 -25.29
CA TYR E 79 8.13 -10.53 -24.97
C TYR E 79 8.25 -10.77 -23.46
N LEU E 80 7.98 -9.76 -22.66
CA LEU E 80 8.06 -9.92 -21.20
C LEU E 80 7.14 -10.98 -20.65
N SER E 81 5.92 -11.05 -21.20
CA SER E 81 5.01 -12.20 -21.04
C SER E 81 5.62 -13.55 -21.12
N GLN E 82 6.58 -13.77 -22.00
CA GLN E 82 7.20 -15.07 -22.08
C GLN E 82 8.35 -15.26 -21.12
N VAL E 83 8.96 -14.16 -20.70
CA VAL E 83 10.19 -14.19 -19.90
C VAL E 83 9.87 -14.40 -18.42
N ALA E 84 8.74 -13.86 -17.98
CA ALA E 84 8.33 -13.94 -16.61
C ALA E 84 6.81 -14.08 -16.58
N PRO E 85 6.28 -14.79 -15.58
CA PRO E 85 4.85 -14.89 -15.49
C PRO E 85 4.25 -13.57 -14.93
N LEU E 86 3.49 -12.86 -15.71
CA LEU E 86 2.93 -11.57 -15.23
C LEU E 86 1.52 -11.82 -14.63
N THR E 87 1.33 -11.45 -13.37
CA THR E 87 0.21 -12.02 -12.59
C THR E 87 -0.76 -10.91 -12.25
N GLU E 88 -0.32 -9.67 -12.45
CA GLU E 88 -1.09 -8.50 -11.98
C GLU E 88 -0.73 -7.24 -12.74
N GLY E 89 -1.73 -6.37 -12.96
CA GLY E 89 -1.46 -5.16 -13.72
C GLY E 89 -2.19 -3.99 -13.12
N GLU E 90 -1.68 -2.79 -13.38
CA GLU E 90 -2.33 -1.58 -12.88
C GLU E 90 -2.38 -0.66 -14.07
N HIS E 91 -3.42 0.17 -14.13
CA HIS E 91 -3.44 1.31 -15.08
C HIS E 91 -3.99 2.56 -14.40
N VAL E 92 -3.50 3.73 -14.81
CA VAL E 92 -3.98 5.02 -14.33
C VAL E 92 -4.11 5.81 -15.63
N VAL E 93 -5.30 6.34 -15.92
CA VAL E 93 -5.62 7.10 -17.13
C VAL E 93 -5.82 8.55 -16.71
N GLU E 94 -5.10 9.47 -17.36
CA GLU E 94 -5.17 10.91 -17.11
C GLU E 94 -5.20 11.64 -18.41
N ALA E 95 -5.79 12.82 -18.40
CA ALA E 95 -5.73 13.74 -19.56
C ALA E 95 -4.61 14.72 -19.25
N ILE E 96 -3.55 14.73 -20.08
CA ILE E 96 -2.35 15.59 -19.76
C ILE E 96 -1.93 16.43 -20.94
N LEU E 97 -1.00 17.35 -20.70
CA LEU E 97 -0.18 17.95 -21.75
C LEU E 97 1.11 17.16 -21.71
N ALA E 98 1.62 16.80 -22.88
CA ALA E 98 2.81 15.96 -22.95
C ALA E 98 4.07 16.85 -22.85
N GLU E 99 5.23 16.24 -22.55
CA GLU E 99 6.48 16.98 -22.53
C GLU E 99 6.84 17.44 -23.95
N ALA E 100 7.70 18.49 -24.03
CA ALA E 100 8.05 19.09 -25.30
C ALA E 100 8.52 18.08 -26.32
N ASP E 101 9.44 17.21 -25.92
CA ASP E 101 10.04 16.25 -26.85
C ASP E 101 9.02 15.21 -27.25
N GLU E 102 8.12 14.85 -26.31
CA GLU E 102 6.98 13.93 -26.65
C GLU E 102 6.08 14.50 -27.75
N CYS E 103 5.62 15.74 -27.56
CA CYS E 103 4.91 16.51 -28.60
C CYS E 103 5.63 16.48 -29.91
N LYS E 104 6.94 16.76 -29.87
CA LYS E 104 7.75 16.76 -31.09
C LYS E 104 7.60 15.43 -31.82
N LEU E 105 7.77 14.35 -31.07
CA LEU E 105 7.75 12.94 -31.54
C LEU E 105 6.35 12.56 -32.07
N LEU E 106 5.32 13.03 -31.38
CA LEU E 106 3.94 12.78 -31.78
C LEU E 106 3.41 13.74 -32.84
N GLN E 107 4.19 14.76 -33.19
CA GLN E 107 3.78 15.78 -34.17
C GLN E 107 2.48 16.47 -33.77
N ILE E 108 2.46 16.99 -32.55
CA ILE E 108 1.30 17.72 -32.03
C ILE E 108 1.82 19.00 -31.47
N ASP E 109 0.93 20.01 -31.39
CA ASP E 109 1.28 21.26 -30.75
C ASP E 109 1.30 20.95 -29.24
N ALA E 110 1.94 21.87 -28.53
CA ALA E 110 2.27 21.71 -27.14
C ALA E 110 1.01 21.69 -26.30
N GLY E 111 -0.04 22.30 -26.79
CA GLY E 111 -1.21 22.49 -26.03
C GLY E 111 -2.23 21.44 -26.32
N GLU E 112 -1.85 20.40 -27.12
CA GLU E 112 -2.81 19.34 -27.50
C GLU E 112 -3.03 18.35 -26.38
N PRO E 113 -4.28 18.24 -25.89
CA PRO E 113 -4.50 17.29 -24.78
C PRO E 113 -4.20 15.88 -25.24
N CYS E 114 -3.59 15.10 -24.33
CA CYS E 114 -3.13 13.75 -24.58
C CYS E 114 -3.78 12.82 -23.53
N LEU E 115 -4.03 11.58 -23.96
CA LEU E 115 -4.55 10.60 -23.08
C LEU E 115 -3.34 9.82 -22.64
N LEU E 116 -3.04 9.84 -21.33
CA LEU E 116 -1.96 9.08 -20.73
C LEU E 116 -2.51 7.79 -20.10
N ILE E 117 -1.89 6.65 -20.36
CA ILE E 117 -2.20 5.47 -19.59
C ILE E 117 -0.86 5.06 -18.99
N ARG E 118 -0.76 5.18 -17.69
CA ARG E 118 0.39 4.70 -16.98
C ARG E 118 0.11 3.27 -16.59
N ARG E 119 1.03 2.36 -16.91
CA ARG E 119 0.86 0.92 -16.69
C ARG E 119 1.98 0.37 -15.83
N ARG E 120 1.64 -0.54 -14.94
CA ARG E 120 2.65 -1.28 -14.24
C ARG E 120 2.21 -2.71 -14.17
N THR E 121 3.19 -3.60 -14.26
CA THR E 121 2.94 -5.05 -14.22
C THR E 121 3.88 -5.75 -13.19
N TRP E 122 3.30 -6.71 -12.45
CA TRP E 122 4.03 -7.47 -11.43
C TRP E 122 4.12 -8.92 -11.86
N SER E 123 5.16 -9.61 -11.38
CA SER E 123 5.26 -11.02 -11.49
C SER E 123 5.30 -11.49 -10.02
N GLY E 124 4.19 -12.03 -9.55
CA GLY E 124 4.01 -12.28 -8.12
C GLY E 124 4.07 -10.92 -7.46
N ARG E 125 4.98 -10.75 -6.50
CA ARG E 125 5.03 -9.52 -5.72
C ARG E 125 5.99 -8.53 -6.36
N GLN E 126 6.77 -8.96 -7.32
CA GLN E 126 7.73 -7.99 -7.78
C GLN E 126 7.29 -7.22 -9.03
N PRO E 127 7.44 -5.89 -9.01
CA PRO E 127 7.24 -5.06 -10.20
C PRO E 127 8.24 -5.42 -11.31
N VAL E 128 7.75 -5.60 -12.50
CA VAL E 128 8.58 -6.04 -13.61
C VAL E 128 8.82 -4.86 -14.47
N THR E 129 7.77 -4.07 -14.71
CA THR E 129 7.81 -3.08 -15.78
C THR E 129 6.84 -1.98 -15.48
N ALA E 130 7.18 -0.76 -15.89
CA ALA E 130 6.29 0.41 -15.77
C ALA E 130 6.34 1.06 -17.17
N ALA E 131 5.23 1.55 -17.69
CA ALA E 131 5.23 2.16 -19.03
C ALA E 131 4.28 3.33 -18.98
N ARG E 132 4.60 4.36 -19.78
CA ARG E 132 3.70 5.50 -19.99
C ARG E 132 3.36 5.44 -21.48
N LEU E 133 2.06 5.30 -21.73
CA LEU E 133 1.47 5.28 -23.11
C LEU E 133 0.82 6.64 -23.30
N ILE E 134 1.32 7.40 -24.24
CA ILE E 134 0.86 8.80 -24.43
C ILE E 134 0.24 8.89 -25.83
N HIS E 135 -1.01 9.34 -25.95
CA HIS E 135 -1.67 9.34 -27.26
C HIS E 135 -2.21 10.73 -27.52
N PRO E 136 -2.01 11.29 -28.71
CA PRO E 136 -2.77 12.45 -29.07
C PRO E 136 -4.21 12.29 -28.78
N GLY E 137 -4.79 13.22 -28.00
CA GLY E 137 -6.20 13.14 -27.66
C GLY E 137 -7.11 13.12 -28.87
N SER E 138 -6.72 13.79 -29.93
CA SER E 138 -7.53 13.83 -31.15
C SER E 138 -7.37 12.62 -32.04
N ARG E 139 -6.45 11.72 -31.70
CA ARG E 139 -6.16 10.55 -32.56
C ARG E 139 -6.44 9.17 -31.95
N HIS E 140 -6.93 9.12 -30.70
CA HIS E 140 -7.08 7.82 -30.02
C HIS E 140 -8.06 8.01 -28.90
N ARG E 141 -9.00 7.07 -28.77
CA ARG E 141 -9.93 7.05 -27.65
C ARG E 141 -9.95 5.65 -27.06
N LEU E 142 -10.31 5.53 -25.78
CA LEU E 142 -10.50 4.20 -25.17
C LEU E 142 -11.99 3.88 -25.30
N GLU E 143 -12.32 2.65 -25.67
CA GLU E 143 -13.70 2.34 -25.93
C GLU E 143 -14.01 0.97 -25.35
N GLY E 144 -15.19 0.81 -24.75
CA GLY E 144 -15.58 -0.52 -24.25
C GLY E 144 -17.04 -0.63 -23.91
N ARG E 145 -17.51 -1.89 -23.79
CA ARG E 145 -18.89 -2.19 -23.43
C ARG E 145 -18.78 -3.35 -22.44
N PHE E 146 -19.57 -3.29 -21.37
CA PHE E 146 -19.52 -4.23 -20.23
C PHE E 146 -20.94 -4.52 -19.76
N THR E 147 -21.24 -5.76 -19.47
CA THR E 147 -22.50 -6.06 -18.81
C THR E 147 -22.41 -5.65 -17.34
N LYS E 148 -23.57 -5.50 -16.71
CA LYS E 148 -23.70 -4.94 -15.39
C LYS E 148 -24.26 -5.98 -14.39
N ARG F 8 -15.48 16.26 2.01
CA ARG F 8 -16.64 17.20 1.78
C ARG F 8 -17.07 17.31 0.28
N HIS F 9 -17.90 16.37 -0.12
CA HIS F 9 -18.52 16.41 -1.44
C HIS F 9 -19.79 17.23 -1.33
N THR F 10 -20.09 17.91 -2.43
CA THR F 10 -21.25 18.74 -2.56
C THR F 10 -21.54 18.75 -4.04
N CYS F 11 -22.75 19.13 -4.41
CA CYS F 11 -23.05 19.19 -5.83
C CYS F 11 -24.17 20.16 -6.07
N LYS F 12 -24.23 20.68 -7.27
CA LYS F 12 -25.21 21.68 -7.59
C LYS F 12 -25.86 21.23 -8.87
N VAL F 13 -27.19 21.17 -8.89
CA VAL F 13 -27.93 20.77 -10.11
C VAL F 13 -28.15 22.06 -10.91
N MSE F 14 -27.42 22.20 -12.00
CA MSE F 14 -27.47 23.44 -12.82
C MSE F 14 -28.70 23.43 -13.73
O MSE F 14 -29.27 24.45 -13.99
CB MSE F 14 -26.20 23.57 -13.67
CG MSE F 14 -24.91 23.69 -12.85
SE MSE F 14 -24.88 25.15 -11.44
CE MSE F 14 -25.13 26.66 -12.67
N VAL F 15 -28.97 22.26 -14.33
CA VAL F 15 -30.03 22.13 -15.33
C VAL F 15 -30.82 20.89 -14.99
N LEU F 16 -32.15 20.99 -14.89
CA LEU F 16 -33.00 19.80 -14.84
C LEU F 16 -34.27 20.19 -15.56
N LYS F 17 -34.41 19.77 -16.82
CA LYS F 17 -35.54 20.20 -17.60
C LYS F 17 -35.86 19.23 -18.72
N GLU F 18 -37.08 19.36 -19.28
CA GLU F 18 -37.46 18.51 -20.43
C GLU F 18 -37.11 19.27 -21.68
N GLU F 19 -36.76 18.54 -22.70
CA GLU F 19 -36.30 19.13 -23.98
C GLU F 19 -36.56 18.17 -25.08
N ALA F 20 -36.53 18.65 -26.35
CA ALA F 20 -36.74 17.73 -27.49
C ALA F 20 -35.43 17.06 -27.56
N ALA F 21 -35.44 15.84 -28.04
CA ALA F 21 -34.13 15.14 -28.07
C ALA F 21 -33.11 15.92 -28.97
N GLY F 22 -33.58 16.43 -30.13
CA GLY F 22 -32.60 16.99 -31.11
C GLY F 22 -31.79 15.88 -31.75
N SER F 23 -30.87 16.23 -32.68
CA SER F 23 -30.16 15.21 -33.47
C SER F 23 -29.24 14.18 -32.73
N GLU F 24 -28.32 14.68 -31.90
CA GLU F 24 -27.37 13.82 -31.20
C GLU F 24 -28.03 12.89 -30.19
N ARG F 25 -28.96 13.44 -29.40
CA ARG F 25 -29.72 12.58 -28.41
C ARG F 25 -30.64 11.58 -29.08
N ALA F 26 -31.24 11.99 -30.21
CA ALA F 26 -32.07 11.05 -31.01
C ALA F 26 -31.25 9.87 -31.49
N LEU F 27 -30.10 10.15 -32.07
CA LEU F 27 -29.17 9.11 -32.46
C LEU F 27 -28.75 8.18 -31.32
N ALA F 28 -28.26 8.76 -30.23
CA ALA F 28 -27.85 8.05 -29.02
C ALA F 28 -28.91 7.12 -28.43
N LEU F 29 -30.17 7.58 -28.43
CA LEU F 29 -31.17 6.83 -27.72
C LEU F 29 -32.18 6.08 -28.63
N ASP F 30 -31.92 5.98 -29.96
CA ASP F 30 -32.86 5.62 -31.04
C ASP F 30 -34.28 6.22 -30.87
N MSE F 31 -34.36 7.56 -30.92
CA MSE F 31 -35.62 8.29 -30.79
C MSE F 31 -35.72 9.21 -31.98
O MSE F 31 -34.74 9.39 -32.69
CB MSE F 31 -35.53 9.13 -29.55
CG MSE F 31 -35.30 8.32 -28.27
SE MSE F 31 -35.01 9.62 -26.85
CE MSE F 31 -36.79 10.35 -26.92
N ARG F 32 -36.90 9.76 -32.22
CA ARG F 32 -37.06 10.84 -33.19
C ARG F 32 -36.68 12.15 -32.48
N GLU F 33 -36.39 13.19 -33.27
CA GLU F 33 -35.76 14.39 -32.71
C GLU F 33 -36.73 15.21 -31.87
N GLY F 34 -38.02 15.08 -32.15
CA GLY F 34 -39.00 15.90 -31.55
C GLY F 34 -39.44 15.23 -30.26
N GLN F 35 -39.03 13.98 -30.05
CA GLN F 35 -39.43 13.28 -28.79
C GLN F 35 -38.75 13.82 -27.55
N ARG F 36 -39.42 13.67 -26.41
CA ARG F 36 -39.01 14.29 -25.16
C ARG F 36 -37.92 13.52 -24.47
N VAL F 37 -36.89 14.26 -24.09
CA VAL F 37 -35.89 13.71 -23.14
C VAL F 37 -35.83 14.58 -21.91
N PHE F 38 -35.35 14.00 -20.84
CA PHE F 38 -35.05 14.81 -19.63
C PHE F 38 -33.58 14.96 -19.53
N HIS F 39 -33.12 16.17 -19.19
CA HIS F 39 -31.75 16.55 -19.26
C HIS F 39 -31.37 17.07 -17.87
N SER F 40 -30.32 16.52 -17.25
CA SER F 40 -29.76 17.08 -16.00
C SER F 40 -28.29 17.48 -16.23
N LEU F 41 -27.86 18.62 -15.65
CA LEU F 41 -26.46 19.00 -15.67
C LEU F 41 -26.11 19.32 -14.23
N ILE F 42 -25.22 18.52 -13.68
CA ILE F 42 -24.91 18.57 -12.29
C ILE F 42 -23.41 18.82 -12.17
N VAL F 43 -23.02 19.78 -11.34
CA VAL F 43 -21.54 19.99 -11.10
C VAL F 43 -21.24 19.46 -9.69
N HIS F 44 -20.24 18.63 -9.58
CA HIS F 44 -19.74 18.04 -8.35
C HIS F 44 -18.53 18.75 -7.86
N PHE F 45 -18.41 18.87 -6.54
CA PHE F 45 -17.33 19.63 -5.96
C PHE F 45 -16.67 18.76 -4.90
N GLU F 46 -15.34 18.86 -4.82
CA GLU F 46 -14.59 18.40 -3.67
C GLU F 46 -13.96 19.60 -2.99
N ASN F 47 -14.36 19.87 -1.75
CA ASN F 47 -13.80 20.95 -0.96
C ASN F 47 -14.00 22.26 -1.70
N ASP F 48 -15.24 22.46 -2.15
CA ASP F 48 -15.65 23.61 -2.98
C ASP F 48 -14.87 23.81 -4.30
N ILE F 49 -14.14 22.79 -4.71
CA ILE F 49 -13.48 22.79 -6.01
C ILE F 49 -14.26 21.89 -7.00
N PRO F 50 -14.65 22.42 -8.15
CA PRO F 50 -15.34 21.58 -9.14
C PRO F 50 -14.53 20.40 -9.68
N VAL F 51 -15.07 19.19 -9.68
CA VAL F 51 -14.26 18.04 -10.14
C VAL F 51 -14.92 17.27 -11.26
N GLN F 52 -16.23 17.48 -11.47
CA GLN F 52 -16.91 16.81 -12.61
C GLN F 52 -18.13 17.59 -13.06
N ILE F 53 -18.38 17.65 -14.37
CA ILE F 53 -19.72 18.02 -14.84
C ILE F 53 -20.36 16.71 -15.33
N GLU F 54 -21.58 16.44 -14.90
CA GLU F 54 -22.32 15.29 -15.39
C GLU F 54 -23.43 15.86 -16.20
N ASP F 55 -23.34 15.70 -17.51
CA ASP F 55 -24.39 16.17 -18.45
C ASP F 55 -25.18 14.99 -19.05
N ARG F 56 -26.35 14.73 -18.49
CA ARG F 56 -27.06 13.49 -18.69
C ARG F 56 -28.39 13.71 -19.38
N PHE F 57 -28.76 12.80 -20.26
CA PHE F 57 -30.09 12.78 -20.86
C PHE F 57 -30.73 11.41 -20.74
N VAL F 58 -32.03 11.40 -20.54
CA VAL F 58 -32.73 10.11 -20.36
C VAL F 58 -33.97 10.12 -21.29
N ASN F 59 -34.26 8.99 -21.92
CA ASN F 59 -35.51 8.88 -22.67
C ASN F 59 -36.66 9.10 -21.70
N ALA F 60 -37.42 10.18 -21.91
CA ALA F 60 -38.51 10.50 -20.98
C ALA F 60 -39.58 9.39 -20.84
N GLN F 61 -39.78 8.59 -21.87
CA GLN F 61 -40.73 7.42 -21.78
C GLN F 61 -40.27 6.32 -20.80
N VAL F 62 -38.95 6.20 -20.61
CA VAL F 62 -38.35 5.19 -19.73
C VAL F 62 -38.36 5.57 -18.28
N ALA F 63 -38.19 6.86 -17.99
CA ALA F 63 -38.11 7.35 -16.60
C ALA F 63 -38.98 8.61 -16.47
N PRO F 64 -40.30 8.44 -16.42
CA PRO F 64 -41.22 9.58 -16.51
C PRO F 64 -41.19 10.51 -15.30
N ASP F 65 -40.70 10.03 -14.16
CA ASP F 65 -40.64 10.88 -12.96
C ASP F 65 -39.21 11.42 -12.68
N TYR F 66 -38.32 11.33 -13.66
CA TYR F 66 -36.92 11.80 -13.46
C TYR F 66 -36.87 13.26 -13.01
N LEU F 67 -37.76 14.09 -13.53
CA LEU F 67 -37.75 15.52 -13.25
C LEU F 67 -38.19 15.85 -11.85
N LYS F 68 -38.77 14.88 -11.18
CA LYS F 68 -39.33 15.10 -9.87
C LYS F 68 -38.32 14.82 -8.76
N GLN F 69 -37.13 14.30 -9.13
CA GLN F 69 -36.12 13.91 -8.15
C GLN F 69 -35.28 15.07 -7.65
N ASP F 70 -34.79 14.88 -6.42
CA ASP F 70 -33.75 15.74 -5.83
C ASP F 70 -32.39 15.07 -5.97
N PHE F 71 -31.66 15.42 -7.04
CA PHE F 71 -30.38 14.83 -7.35
C PHE F 71 -29.25 15.41 -6.52
N THR F 72 -29.55 16.20 -5.53
CA THR F 72 -28.50 16.46 -4.53
C THR F 72 -28.51 15.35 -3.44
N LEU F 73 -29.48 14.42 -3.51
CA LEU F 73 -29.69 13.39 -2.46
C LEU F 73 -29.33 11.98 -2.93
N GLN F 74 -29.35 11.80 -4.24
CA GLN F 74 -29.21 10.55 -4.92
C GLN F 74 -28.65 10.92 -6.33
N THR F 75 -27.72 10.14 -6.88
CA THR F 75 -27.26 10.41 -8.22
C THR F 75 -28.40 10.02 -9.21
N PRO F 76 -28.44 10.66 -10.41
CA PRO F 76 -29.35 10.18 -11.49
C PRO F 76 -29.16 8.70 -11.80
N TYR F 77 -27.91 8.21 -11.73
CA TYR F 77 -27.63 6.83 -12.09
C TYR F 77 -28.30 5.89 -11.10
N ALA F 78 -28.11 6.17 -9.81
CA ALA F 78 -28.67 5.35 -8.74
C ALA F 78 -30.19 5.42 -8.79
N TYR F 79 -30.73 6.60 -9.08
CA TYR F 79 -32.14 6.72 -9.31
C TYR F 79 -32.60 5.81 -10.47
N LEU F 80 -32.00 5.98 -11.65
CA LEU F 80 -32.42 5.21 -12.82
C LEU F 80 -32.33 3.70 -12.61
N SER F 81 -31.33 3.27 -11.82
CA SER F 81 -31.16 1.86 -11.46
C SER F 81 -32.39 1.25 -10.88
N GLN F 82 -33.21 2.09 -10.26
CA GLN F 82 -34.38 1.66 -9.55
C GLN F 82 -35.60 1.64 -10.44
N VAL F 83 -35.49 2.38 -11.53
CA VAL F 83 -36.62 2.60 -12.42
C VAL F 83 -36.68 1.50 -13.46
N ALA F 84 -35.51 1.10 -13.96
CA ALA F 84 -35.41 0.05 -14.97
C ALA F 84 -34.18 -0.81 -14.71
N PRO F 85 -34.23 -2.09 -15.12
CA PRO F 85 -33.09 -2.97 -14.92
C PRO F 85 -31.98 -2.54 -15.88
N LEU F 86 -30.87 -2.05 -15.33
CA LEU F 86 -29.76 -1.53 -16.17
C LEU F 86 -28.78 -2.67 -16.34
N THR F 87 -28.62 -3.10 -17.59
CA THR F 87 -27.98 -4.38 -17.89
C THR F 87 -26.62 -4.33 -18.56
N GLU F 88 -26.34 -3.21 -19.21
CA GLU F 88 -25.14 -3.05 -20.06
C GLU F 88 -24.75 -1.59 -20.15
N GLY F 89 -23.45 -1.32 -20.22
CA GLY F 89 -22.99 0.04 -20.51
C GLY F 89 -21.87 0.12 -21.53
N GLU F 90 -21.76 1.27 -22.22
CA GLU F 90 -20.70 1.55 -23.18
C GLU F 90 -20.02 2.74 -22.60
N HIS F 91 -18.72 2.83 -22.83
CA HIS F 91 -18.01 4.05 -22.49
C HIS F 91 -16.97 4.34 -23.53
N VAL F 92 -16.67 5.64 -23.68
CA VAL F 92 -15.62 6.11 -24.54
C VAL F 92 -14.86 7.12 -23.65
N VAL F 93 -13.54 6.98 -23.56
CA VAL F 93 -12.73 7.94 -22.76
C VAL F 93 -11.79 8.69 -23.74
N GLU F 94 -11.77 10.03 -23.65
CA GLU F 94 -10.96 10.89 -24.49
C GLU F 94 -10.33 12.02 -23.69
N ALA F 95 -9.26 12.61 -24.21
CA ALA F 95 -8.61 13.73 -23.57
C ALA F 95 -8.95 14.91 -24.47
N ILE F 96 -9.59 15.95 -23.93
CA ILE F 96 -10.16 17.03 -24.77
C ILE F 96 -9.88 18.34 -24.11
N LEU F 97 -10.16 19.41 -24.84
CA LEU F 97 -10.41 20.66 -24.18
C LEU F 97 -11.90 20.81 -24.07
N ALA F 98 -12.36 21.23 -22.89
CA ALA F 98 -13.80 21.47 -22.66
C ALA F 98 -14.38 22.71 -23.40
N GLU F 99 -15.71 22.77 -23.53
CA GLU F 99 -16.38 23.95 -24.10
C GLU F 99 -16.20 25.14 -23.19
N ALA F 100 -16.39 26.35 -23.75
CA ALA F 100 -16.04 27.57 -23.02
C ALA F 100 -16.78 27.61 -21.68
N ASP F 101 -18.06 27.25 -21.72
CA ASP F 101 -18.90 27.25 -20.54
C ASP F 101 -18.74 26.10 -19.60
N GLU F 102 -18.34 24.93 -20.12
CA GLU F 102 -17.81 23.88 -19.20
C GLU F 102 -16.62 24.34 -18.36
N CYS F 103 -15.70 25.05 -19.02
CA CYS F 103 -14.53 25.60 -18.39
C CYS F 103 -14.99 26.55 -17.27
N LYS F 104 -16.04 27.33 -17.53
CA LYS F 104 -16.48 28.35 -16.55
C LYS F 104 -17.08 27.63 -15.34
N LEU F 105 -17.86 26.60 -15.59
CA LEU F 105 -18.51 25.83 -14.52
C LEU F 105 -17.52 24.98 -13.73
N LEU F 106 -16.46 24.52 -14.39
CA LEU F 106 -15.41 23.72 -13.79
C LEU F 106 -14.34 24.58 -13.14
N GLN F 107 -14.43 25.89 -13.35
CA GLN F 107 -13.40 26.86 -12.90
C GLN F 107 -12.00 26.37 -13.25
N ILE F 108 -11.78 26.14 -14.55
CA ILE F 108 -10.46 25.72 -15.11
C ILE F 108 -10.10 26.66 -16.26
N ASP F 109 -8.78 26.69 -16.58
CA ASP F 109 -8.20 27.42 -17.71
C ASP F 109 -8.80 26.82 -18.96
N ALA F 110 -9.04 27.65 -19.99
CA ALA F 110 -9.49 27.17 -21.32
C ALA F 110 -8.59 26.05 -21.86
N GLY F 111 -7.27 26.13 -21.60
CA GLY F 111 -6.38 25.09 -22.16
C GLY F 111 -6.14 23.87 -21.28
N GLU F 112 -6.90 23.74 -20.19
CA GLU F 112 -6.69 22.62 -19.28
C GLU F 112 -7.15 21.34 -19.94
N PRO F 113 -6.27 20.32 -20.08
CA PRO F 113 -6.83 19.09 -20.63
C PRO F 113 -7.83 18.46 -19.66
N CYS F 114 -8.89 17.82 -20.20
CA CYS F 114 -9.93 17.25 -19.43
C CYS F 114 -10.13 15.82 -19.85
N LEU F 115 -10.54 14.97 -18.91
CA LEU F 115 -10.85 13.59 -19.20
C LEU F 115 -12.32 13.58 -19.51
N LEU F 116 -12.70 13.24 -20.74
CA LEU F 116 -14.11 13.15 -21.12
C LEU F 116 -14.53 11.67 -21.08
N ILE F 117 -15.63 11.36 -20.42
CA ILE F 117 -16.09 10.02 -20.45
C ILE F 117 -17.50 10.13 -21.00
N ARG F 118 -17.76 9.51 -22.15
CA ARG F 118 -19.13 9.46 -22.61
C ARG F 118 -19.64 8.07 -22.40
N ARG F 119 -20.84 7.97 -21.87
CA ARG F 119 -21.43 6.72 -21.44
C ARG F 119 -22.83 6.59 -22.03
N ARG F 120 -23.23 5.36 -22.29
CA ARG F 120 -24.62 5.05 -22.60
C ARG F 120 -24.95 3.76 -21.86
N THR F 121 -26.14 3.71 -21.30
CA THR F 121 -26.58 2.57 -20.47
C THR F 121 -27.91 2.06 -21.04
N TRP F 122 -28.02 0.72 -21.09
CA TRP F 122 -29.10 -0.01 -21.73
C TRP F 122 -29.85 -0.76 -20.68
N SER F 123 -31.15 -0.89 -20.93
CA SER F 123 -31.98 -1.85 -20.22
C SER F 123 -32.39 -2.87 -21.23
N GLY F 124 -31.68 -3.99 -21.26
CA GLY F 124 -31.80 -4.96 -22.33
C GLY F 124 -31.34 -4.39 -23.65
N ARG F 125 -32.20 -4.37 -24.67
CA ARG F 125 -31.84 -3.81 -25.99
C ARG F 125 -32.30 -2.36 -26.24
N GLN F 126 -32.81 -1.74 -25.17
CA GLN F 126 -33.23 -0.31 -25.16
C GLN F 126 -32.17 0.58 -24.50
N PRO F 127 -31.67 1.62 -25.23
CA PRO F 127 -30.79 2.63 -24.59
C PRO F 127 -31.58 3.52 -23.69
N VAL F 128 -31.25 3.59 -22.42
CA VAL F 128 -32.05 4.34 -21.45
C VAL F 128 -31.52 5.83 -21.28
N THR F 129 -30.19 5.95 -21.24
CA THR F 129 -29.61 7.19 -20.82
C THR F 129 -28.22 7.27 -21.42
N ALA F 130 -27.79 8.51 -21.61
CA ALA F 130 -26.43 8.71 -22.07
C ALA F 130 -25.90 9.95 -21.40
N ALA F 131 -24.61 10.05 -21.23
CA ALA F 131 -24.09 11.16 -20.43
C ALA F 131 -22.78 11.53 -20.96
N ARG F 132 -22.44 12.78 -20.74
CA ARG F 132 -21.12 13.32 -21.10
C ARG F 132 -20.53 13.76 -19.75
N LEU F 133 -19.45 13.10 -19.31
CA LEU F 133 -18.82 13.37 -17.97
C LEU F 133 -17.47 14.06 -18.16
N ILE F 134 -17.31 15.32 -17.76
CA ILE F 134 -16.09 16.10 -18.05
C ILE F 134 -15.39 16.34 -16.77
N HIS F 135 -14.12 15.96 -16.70
CA HIS F 135 -13.34 16.14 -15.45
C HIS F 135 -12.10 16.98 -15.77
N PRO F 136 -11.79 18.00 -14.96
CA PRO F 136 -10.46 18.59 -15.20
C PRO F 136 -9.38 17.54 -15.08
N GLY F 137 -8.42 17.51 -16.01
CA GLY F 137 -7.30 16.56 -16.01
C GLY F 137 -6.52 16.58 -14.72
N SER F 138 -6.36 17.75 -14.13
CA SER F 138 -5.61 17.89 -12.86
C SER F 138 -6.36 17.41 -11.65
N ARG F 139 -7.68 17.11 -11.79
CA ARG F 139 -8.51 16.84 -10.62
C ARG F 139 -9.06 15.46 -10.55
N HIS F 140 -8.88 14.68 -11.62
CA HIS F 140 -9.47 13.31 -11.66
C HIS F 140 -8.62 12.36 -12.50
N ARG F 141 -8.56 11.10 -12.12
CA ARG F 141 -7.88 10.07 -12.94
C ARG F 141 -8.68 8.78 -12.75
N LEU F 142 -8.58 7.86 -13.70
CA LEU F 142 -9.25 6.57 -13.60
C LEU F 142 -8.19 5.60 -13.16
N GLU F 143 -8.50 4.72 -12.23
CA GLU F 143 -7.45 3.84 -11.72
C GLU F 143 -7.97 2.43 -11.69
N GLY F 144 -7.16 1.45 -12.02
CA GLY F 144 -7.60 0.03 -11.94
C GLY F 144 -6.38 -0.80 -11.63
N ARG F 145 -6.49 -1.84 -10.80
CA ARG F 145 -5.39 -2.80 -10.56
C ARG F 145 -6.09 -4.16 -10.42
N PHE F 146 -5.56 -5.22 -11.03
CA PHE F 146 -6.36 -6.43 -11.26
C PHE F 146 -5.43 -7.57 -11.45
N THR F 147 -5.85 -8.75 -11.01
CA THR F 147 -5.12 -9.94 -11.32
C THR F 147 -5.34 -10.29 -12.80
N LYS F 148 -4.36 -10.97 -13.40
CA LYS F 148 -4.37 -11.34 -14.82
C LYS F 148 -4.91 -12.77 -15.00
N ARG G 8 -39.18 -14.56 -6.95
CA ARG G 8 -39.51 -13.74 -5.75
C ARG G 8 -38.27 -13.59 -4.84
N HIS G 9 -37.59 -12.45 -4.99
CA HIS G 9 -36.56 -12.02 -4.04
C HIS G 9 -37.20 -11.57 -2.73
N THR G 10 -36.74 -12.16 -1.61
CA THR G 10 -36.98 -11.59 -0.28
C THR G 10 -35.66 -11.48 0.44
N CYS G 11 -35.64 -10.71 1.52
CA CYS G 11 -34.48 -10.68 2.40
C CYS G 11 -34.90 -10.53 3.90
N LYS G 12 -34.01 -10.93 4.81
CA LYS G 12 -34.20 -10.75 6.26
C LYS G 12 -32.90 -10.16 6.83
N VAL G 13 -33.02 -9.01 7.47
CA VAL G 13 -31.94 -8.40 8.19
C VAL G 13 -31.78 -9.14 9.53
N MSE G 14 -30.71 -9.94 9.63
CA MSE G 14 -30.43 -10.80 10.79
C MSE G 14 -29.64 -10.12 11.90
O MSE G 14 -29.81 -10.48 13.08
CB MSE G 14 -29.64 -12.03 10.40
CG MSE G 14 -30.28 -12.82 9.37
SE MSE G 14 -31.93 -13.63 9.89
CE MSE G 14 -31.36 -14.63 11.45
N VAL G 15 -28.82 -9.14 11.54
CA VAL G 15 -27.97 -8.41 12.54
C VAL G 15 -27.98 -6.98 12.10
N LEU G 16 -28.18 -6.03 13.03
CA LEU G 16 -27.96 -4.63 12.75
C LEU G 16 -27.58 -3.94 14.06
N LYS G 17 -26.28 -3.74 14.26
CA LYS G 17 -25.84 -3.34 15.60
C LYS G 17 -24.49 -2.67 15.49
N GLU G 18 -24.23 -1.82 16.48
CA GLU G 18 -22.89 -1.24 16.68
C GLU G 18 -21.97 -2.23 17.40
N GLU G 19 -20.70 -2.22 17.08
CA GLU G 19 -19.76 -3.07 17.85
C GLU G 19 -18.34 -2.46 17.78
N ALA G 20 -17.32 -3.02 18.41
CA ALA G 20 -15.94 -2.50 18.27
C ALA G 20 -15.45 -3.04 16.97
N ALA G 21 -14.51 -2.35 16.34
CA ALA G 21 -13.99 -2.87 15.06
C ALA G 21 -13.35 -4.23 15.32
N GLY G 22 -12.57 -4.31 16.39
CA GLY G 22 -11.76 -5.52 16.61
C GLY G 22 -10.56 -5.68 15.69
N SER G 23 -9.82 -6.77 15.86
CA SER G 23 -8.61 -7.02 15.07
C SER G 23 -8.92 -7.15 13.56
N GLU G 24 -10.04 -7.76 13.17
CA GLU G 24 -10.29 -7.95 11.71
C GLU G 24 -10.78 -6.69 10.99
N ARG G 25 -11.72 -5.97 11.55
CA ARG G 25 -12.19 -4.74 10.88
C ARG G 25 -11.14 -3.67 10.99
N ALA G 26 -10.32 -3.68 12.07
CA ALA G 26 -9.17 -2.79 12.12
C ALA G 26 -8.25 -2.93 10.88
N LEU G 27 -7.97 -4.17 10.48
CA LEU G 27 -7.21 -4.39 9.23
C LEU G 27 -8.01 -4.06 7.95
N ALA G 28 -9.24 -4.54 7.84
CA ALA G 28 -10.01 -4.29 6.59
C ALA G 28 -10.37 -2.79 6.39
N LEU G 29 -10.63 -2.08 7.45
CA LEU G 29 -11.03 -0.68 7.36
C LEU G 29 -9.98 0.40 7.75
N ASP G 30 -8.75 -0.05 7.94
CA ASP G 30 -7.67 0.80 8.45
C ASP G 30 -8.18 1.67 9.60
N MSE G 31 -8.66 0.99 10.64
CA MSE G 31 -9.22 1.68 11.85
C MSE G 31 -8.52 1.21 13.13
O MSE G 31 -7.87 0.17 13.13
CB MSE G 31 -10.79 1.56 12.00
CG MSE G 31 -11.57 0.39 11.55
SE MSE G 31 -13.46 0.99 11.19
CE MSE G 31 -13.91 2.27 12.66
N ARG G 32 -8.72 1.89 14.23
CA ARG G 32 -8.28 1.36 15.51
C ARG G 32 -9.15 0.21 16.00
N GLU G 33 -8.57 -0.75 16.72
CA GLU G 33 -9.47 -1.82 17.24
C GLU G 33 -10.61 -1.38 18.11
N GLY G 34 -10.51 -0.23 18.76
CA GLY G 34 -11.60 0.15 19.66
C GLY G 34 -12.55 1.11 18.98
N GLN G 35 -12.29 1.46 17.74
CA GLN G 35 -13.21 2.33 17.03
C GLN G 35 -14.50 1.59 16.80
N ARG G 36 -15.61 2.30 16.78
CA ARG G 36 -16.91 1.72 16.58
C ARG G 36 -17.29 1.54 15.12
N VAL G 37 -17.95 0.43 14.81
CA VAL G 37 -18.43 0.13 13.47
C VAL G 37 -19.91 -0.24 13.62
N PHE G 38 -20.66 -0.09 12.55
CA PHE G 38 -22.00 -0.63 12.46
C PHE G 38 -21.90 -1.92 11.66
N HIS G 39 -22.71 -2.90 12.04
CA HIS G 39 -22.59 -4.21 11.45
C HIS G 39 -23.99 -4.63 11.02
N SER G 40 -24.17 -4.91 9.73
CA SER G 40 -25.44 -5.51 9.28
C SER G 40 -25.13 -6.85 8.61
N LEU G 41 -26.01 -7.83 8.88
CA LEU G 41 -25.95 -9.14 8.24
C LEU G 41 -27.34 -9.43 7.65
N ILE G 42 -27.40 -9.49 6.32
CA ILE G 42 -28.65 -9.68 5.58
C ILE G 42 -28.61 -11.02 4.82
N VAL G 43 -29.69 -11.81 4.90
CA VAL G 43 -29.82 -13.04 4.12
C VAL G 43 -30.88 -12.74 3.06
N HIS G 44 -30.47 -13.06 1.83
CA HIS G 44 -31.27 -12.89 0.61
C HIS G 44 -31.79 -14.23 0.16
N PHE G 45 -33.05 -14.25 -0.22
CA PHE G 45 -33.70 -15.50 -0.59
C PHE G 45 -34.23 -15.43 -2.01
N GLU G 46 -34.26 -16.59 -2.66
CA GLU G 46 -35.01 -16.76 -3.92
C GLU G 46 -35.97 -17.89 -3.71
N ASN G 47 -37.25 -17.57 -3.59
CA ASN G 47 -38.29 -18.56 -3.32
C ASN G 47 -38.02 -19.36 -2.03
N ASP G 48 -37.75 -18.67 -0.90
CA ASP G 48 -37.55 -19.37 0.40
C ASP G 48 -36.21 -20.03 0.53
N ILE G 49 -35.46 -20.09 -0.57
CA ILE G 49 -34.11 -20.67 -0.64
C ILE G 49 -33.06 -19.57 -0.55
N PRO G 50 -32.19 -19.62 0.49
CA PRO G 50 -31.12 -18.65 0.68
C PRO G 50 -30.11 -18.69 -0.46
N VAL G 51 -29.73 -17.50 -0.96
CA VAL G 51 -28.80 -17.42 -2.06
C VAL G 51 -27.61 -16.51 -1.75
N GLN G 52 -27.66 -15.74 -0.64
CA GLN G 52 -26.53 -14.85 -0.33
C GLN G 52 -26.67 -14.38 1.12
N ILE G 53 -25.55 -14.37 1.79
CA ILE G 53 -25.37 -13.57 3.00
C ILE G 53 -24.57 -12.38 2.67
N GLU G 54 -25.08 -11.20 3.03
CA GLU G 54 -24.26 -10.00 2.93
C GLU G 54 -23.89 -9.59 4.33
N ASP G 55 -22.64 -9.77 4.73
CA ASP G 55 -22.18 -9.45 6.09
C ASP G 55 -21.36 -8.17 5.90
N ARG G 56 -21.90 -7.03 6.30
CA ARG G 56 -21.29 -5.75 6.07
C ARG G 56 -20.86 -4.98 7.31
N PHE G 57 -19.65 -4.40 7.28
CA PHE G 57 -19.22 -3.51 8.35
C PHE G 57 -18.99 -2.12 7.76
N VAL G 58 -19.38 -1.09 8.50
CA VAL G 58 -19.31 0.29 8.08
C VAL G 58 -18.60 1.08 9.17
N ASN G 59 -17.80 2.08 8.76
CA ASN G 59 -17.24 3.06 9.75
C ASN G 59 -18.38 3.94 10.30
N ALA G 60 -18.58 3.95 11.63
CA ALA G 60 -19.86 4.46 12.14
C ALA G 60 -19.79 5.99 12.11
N GLN G 61 -18.60 6.56 12.02
CA GLN G 61 -18.48 8.02 11.91
C GLN G 61 -18.84 8.53 10.51
N VAL G 62 -18.73 7.68 9.51
CA VAL G 62 -19.02 8.05 8.13
C VAL G 62 -20.55 8.02 7.86
N ALA G 63 -21.26 7.09 8.50
CA ALA G 63 -22.70 6.95 8.33
C ALA G 63 -23.37 6.77 9.69
N PRO G 64 -23.44 7.84 10.49
CA PRO G 64 -23.95 7.80 11.88
C PRO G 64 -25.38 7.34 11.99
N ASP G 65 -26.12 7.41 10.88
CA ASP G 65 -27.52 6.98 10.90
C ASP G 65 -27.77 5.63 10.24
N TYR G 66 -26.72 4.84 10.06
CA TYR G 66 -26.87 3.50 9.44
C TYR G 66 -27.85 2.60 10.17
N LEU G 67 -27.86 2.64 11.51
CA LEU G 67 -28.69 1.67 12.28
C LEU G 67 -30.20 1.97 12.23
N LYS G 68 -30.50 3.17 11.78
CA LYS G 68 -31.89 3.65 11.65
C LYS G 68 -32.58 3.24 10.37
N GLN G 69 -31.87 2.57 9.46
CA GLN G 69 -32.47 2.22 8.16
C GLN G 69 -33.20 0.89 8.10
N ASP G 70 -34.15 0.81 7.17
CA ASP G 70 -34.85 -0.45 6.90
C ASP G 70 -34.27 -1.02 5.62
N PHE G 71 -33.38 -2.02 5.75
CA PHE G 71 -32.58 -2.52 4.64
C PHE G 71 -33.31 -3.58 3.85
N THR G 72 -34.60 -3.76 4.17
CA THR G 72 -35.47 -4.53 3.29
C THR G 72 -36.01 -3.58 2.23
N LEU G 73 -35.80 -2.29 2.39
CA LEU G 73 -36.34 -1.30 1.43
C LEU G 73 -35.31 -0.65 0.52
N GLN G 74 -34.02 -0.74 0.86
CA GLN G 74 -32.95 -0.16 0.08
C GLN G 74 -31.78 -0.94 0.55
N THR G 75 -30.85 -1.26 -0.37
CA THR G 75 -29.59 -1.98 0.00
C THR G 75 -28.69 -1.03 0.83
N PRO G 76 -27.92 -1.60 1.81
CA PRO G 76 -26.82 -0.85 2.49
C PRO G 76 -25.91 -0.04 1.55
N TYR G 77 -25.45 -0.66 0.44
CA TYR G 77 -24.66 0.07 -0.58
C TYR G 77 -25.40 1.29 -1.15
N ALA G 78 -26.67 1.10 -1.57
CA ALA G 78 -27.46 2.23 -2.09
C ALA G 78 -27.57 3.30 -1.03
N TYR G 79 -27.82 2.88 0.22
CA TYR G 79 -27.95 3.90 1.26
C TYR G 79 -26.63 4.62 1.46
N LEU G 80 -25.53 3.87 1.50
CA LEU G 80 -24.22 4.49 1.76
C LEU G 80 -23.78 5.42 0.63
N SER G 81 -24.14 5.06 -0.59
CA SER G 81 -23.91 5.94 -1.76
C SER G 81 -24.55 7.34 -1.60
N GLN G 82 -25.69 7.43 -0.89
CA GLN G 82 -26.38 8.70 -0.56
C GLN G 82 -25.66 9.51 0.53
N VAL G 83 -25.05 8.81 1.50
CA VAL G 83 -24.45 9.51 2.61
C VAL G 83 -23.04 9.96 2.37
N ALA G 84 -22.26 9.22 1.56
CA ALA G 84 -20.95 9.76 1.17
C ALA G 84 -20.65 9.43 -0.28
N PRO G 85 -19.84 10.26 -0.94
CA PRO G 85 -19.46 9.93 -2.30
C PRO G 85 -18.56 8.69 -2.30
N LEU G 86 -18.95 7.63 -2.99
CA LEU G 86 -18.16 6.42 -2.95
C LEU G 86 -17.34 6.36 -4.21
N THR G 87 -16.02 6.49 -4.09
CA THR G 87 -15.12 6.78 -5.23
C THR G 87 -14.30 5.62 -5.79
N GLU G 88 -14.25 4.49 -5.07
CA GLU G 88 -13.29 3.47 -5.41
C GLU G 88 -13.69 2.19 -4.67
N GLY G 89 -13.55 1.07 -5.33
CA GLY G 89 -14.02 -0.24 -4.80
C GLY G 89 -13.06 -1.34 -5.18
N GLU G 90 -12.98 -2.32 -4.31
CA GLU G 90 -12.11 -3.48 -4.45
C GLU G 90 -13.04 -4.70 -4.36
N HIS G 91 -12.67 -5.76 -5.11
CA HIS G 91 -13.49 -7.00 -5.19
C HIS G 91 -12.46 -8.11 -5.09
N VAL G 92 -12.68 -9.08 -4.21
CA VAL G 92 -11.83 -10.24 -4.15
C VAL G 92 -12.84 -11.38 -4.23
N VAL G 93 -12.63 -12.28 -5.19
CA VAL G 93 -13.55 -13.39 -5.47
C VAL G 93 -12.81 -14.71 -5.18
N GLU G 94 -13.35 -15.53 -4.28
CA GLU G 94 -12.67 -16.75 -3.83
C GLU G 94 -13.69 -17.87 -3.72
N ALA G 95 -13.25 -19.11 -3.94
CA ALA G 95 -14.02 -20.29 -3.60
C ALA G 95 -13.60 -20.77 -2.21
N ILE G 96 -14.57 -20.78 -1.29
CA ILE G 96 -14.35 -21.11 0.11
C ILE G 96 -15.36 -22.10 0.65
N LEU G 97 -15.03 -22.63 1.84
CA LEU G 97 -15.99 -23.26 2.71
C LEU G 97 -16.40 -22.18 3.69
N ALA G 98 -17.72 -22.05 3.89
CA ALA G 98 -18.25 -21.00 4.75
C ALA G 98 -18.18 -21.47 6.23
N GLU G 99 -18.28 -20.52 7.16
CA GLU G 99 -18.22 -20.83 8.59
C GLU G 99 -19.47 -21.54 9.02
N ALA G 100 -19.44 -22.22 10.17
CA ALA G 100 -20.60 -23.04 10.54
C ALA G 100 -21.89 -22.24 10.69
N ASP G 101 -21.83 -21.06 11.28
CA ASP G 101 -23.03 -20.27 11.46
C ASP G 101 -23.59 -19.80 10.10
N GLU G 102 -22.67 -19.53 9.17
CA GLU G 102 -23.05 -19.13 7.77
C GLU G 102 -23.67 -20.29 7.04
N CYS G 103 -23.11 -21.49 7.16
CA CYS G 103 -23.77 -22.70 6.61
C CYS G 103 -25.22 -22.87 7.07
N LYS G 104 -25.43 -22.68 8.37
CA LYS G 104 -26.78 -22.78 8.96
C LYS G 104 -27.72 -21.71 8.38
N LEU G 105 -27.26 -20.47 8.33
CA LEU G 105 -28.03 -19.39 7.68
C LEU G 105 -28.39 -19.61 6.20
N LEU G 106 -27.49 -20.26 5.47
CA LEU G 106 -27.68 -20.51 4.04
C LEU G 106 -28.32 -21.84 3.79
N GLN G 107 -28.55 -22.59 4.88
CA GLN G 107 -29.09 -23.96 4.74
C GLN G 107 -28.29 -24.77 3.75
N ILE G 108 -27.00 -24.84 4.00
CA ILE G 108 -26.13 -25.72 3.23
C ILE G 108 -25.38 -26.65 4.19
N ASP G 109 -24.91 -27.76 3.66
CA ASP G 109 -23.97 -28.57 4.40
C ASP G 109 -22.58 -27.89 4.54
N ALA G 110 -21.88 -28.22 5.60
CA ALA G 110 -20.57 -27.60 5.86
C ALA G 110 -19.53 -27.77 4.70
N GLY G 111 -19.68 -28.86 3.95
CA GLY G 111 -18.78 -29.11 2.84
C GLY G 111 -19.12 -28.54 1.45
N GLU G 112 -20.24 -27.81 1.32
CA GLU G 112 -20.67 -27.15 0.04
C GLU G 112 -19.88 -25.92 -0.28
N PRO G 113 -19.20 -25.93 -1.48
CA PRO G 113 -18.41 -24.79 -1.80
C PRO G 113 -19.24 -23.59 -2.01
N CYS G 114 -18.71 -22.46 -1.52
CA CYS G 114 -19.30 -21.14 -1.64
C CYS G 114 -18.48 -20.14 -2.44
N LEU G 115 -19.17 -19.27 -3.17
CA LEU G 115 -18.53 -18.17 -3.83
C LEU G 115 -18.52 -16.99 -2.88
N LEU G 116 -17.32 -16.53 -2.55
CA LEU G 116 -17.16 -15.37 -1.68
C LEU G 116 -16.82 -14.20 -2.56
N ILE G 117 -17.53 -13.08 -2.39
CA ILE G 117 -17.01 -11.85 -2.94
C ILE G 117 -16.76 -10.91 -1.78
N ARG G 118 -15.53 -10.51 -1.60
CA ARG G 118 -15.21 -9.69 -0.45
C ARG G 118 -14.94 -8.36 -1.05
N ARG G 119 -15.65 -7.35 -0.56
CA ARG G 119 -15.62 -6.01 -1.13
C ARG G 119 -15.17 -5.01 -0.10
N ARG G 120 -14.58 -3.92 -0.57
CA ARG G 120 -14.25 -2.76 0.28
C ARG G 120 -14.52 -1.54 -0.59
N THR G 121 -15.03 -0.47 0.01
CA THR G 121 -15.33 0.75 -0.71
C THR G 121 -14.76 1.89 0.08
N TRP G 122 -14.17 2.85 -0.66
CA TRP G 122 -13.56 4.07 -0.16
C TRP G 122 -14.36 5.31 -0.65
N SER G 123 -14.29 6.35 0.17
CA SER G 123 -14.69 7.69 -0.17
C SER G 123 -13.42 8.55 -0.10
N GLY G 124 -12.85 8.93 -1.25
CA GLY G 124 -11.51 9.48 -1.30
C GLY G 124 -10.53 8.46 -0.76
N ARG G 125 -9.78 8.84 0.26
CA ARG G 125 -8.77 7.95 0.86
C ARG G 125 -9.34 7.19 2.08
N GLN G 126 -10.57 7.52 2.42
CA GLN G 126 -11.28 7.04 3.60
C GLN G 126 -11.98 5.69 3.31
N PRO G 127 -11.54 4.58 3.96
CA PRO G 127 -12.23 3.27 3.90
C PRO G 127 -13.61 3.36 4.48
N VAL G 128 -14.64 3.16 3.71
CA VAL G 128 -16.07 3.40 4.23
C VAL G 128 -16.68 2.09 4.81
N THR G 129 -16.50 1.02 4.06
CA THR G 129 -17.27 -0.18 4.29
C THR G 129 -16.52 -1.37 3.71
N ALA G 130 -16.60 -2.54 4.39
CA ALA G 130 -16.07 -3.78 3.94
C ALA G 130 -17.26 -4.78 4.03
N ALA G 131 -17.43 -5.69 3.06
CA ALA G 131 -18.53 -6.57 3.13
C ALA G 131 -18.04 -7.93 2.64
N ARG G 132 -18.59 -9.02 3.19
CA ARG G 132 -18.39 -10.34 2.57
C ARG G 132 -19.74 -10.83 2.02
N LEU G 133 -19.80 -11.14 0.70
CA LEU G 133 -21.01 -11.68 0.08
C LEU G 133 -20.74 -13.19 -0.12
N ILE G 134 -21.51 -14.08 0.53
CA ILE G 134 -21.27 -15.49 0.51
C ILE G 134 -22.42 -16.17 -0.13
N HIS G 135 -22.17 -16.92 -1.21
CA HIS G 135 -23.25 -17.51 -1.98
C HIS G 135 -23.03 -19.02 -2.04
N PRO G 136 -24.07 -19.86 -1.79
CA PRO G 136 -24.00 -21.29 -2.02
C PRO G 136 -23.56 -21.53 -3.49
N GLY G 137 -22.50 -22.29 -3.70
CA GLY G 137 -21.96 -22.48 -5.04
C GLY G 137 -22.96 -23.05 -6.02
N SER G 138 -23.91 -23.84 -5.50
CA SER G 138 -24.94 -24.51 -6.34
C SER G 138 -26.12 -23.59 -6.60
N ARG G 139 -26.09 -22.39 -6.03
CA ARG G 139 -27.22 -21.48 -6.10
C ARG G 139 -26.93 -20.11 -6.78
N HIS G 140 -25.70 -19.82 -7.16
CA HIS G 140 -25.38 -18.47 -7.69
C HIS G 140 -24.16 -18.63 -8.56
N ARG G 141 -24.07 -17.80 -9.60
CA ARG G 141 -22.82 -17.69 -10.37
C ARG G 141 -22.64 -16.25 -10.80
N LEU G 142 -21.40 -15.86 -11.07
CA LEU G 142 -21.08 -14.49 -11.55
C LEU G 142 -20.96 -14.61 -13.05
N GLU G 143 -21.63 -13.73 -13.79
CA GLU G 143 -21.62 -13.85 -15.27
C GLU G 143 -21.39 -12.49 -15.86
N GLY G 144 -20.66 -12.40 -16.98
CA GLY G 144 -20.43 -11.06 -17.54
C GLY G 144 -19.80 -11.16 -18.89
N ARG G 145 -19.92 -10.07 -19.66
CA ARG G 145 -19.27 -10.01 -20.95
C ARG G 145 -18.65 -8.64 -21.03
N PHE G 146 -17.45 -8.57 -21.61
CA PHE G 146 -16.82 -7.27 -21.77
C PHE G 146 -15.81 -7.23 -22.86
N THR G 147 -15.66 -6.07 -23.43
CA THR G 147 -14.70 -5.92 -24.52
C THR G 147 -13.29 -5.84 -23.95
N LYS G 148 -12.34 -6.25 -24.80
CA LYS G 148 -10.90 -6.14 -24.57
C LYS G 148 -10.42 -5.00 -25.44
N HIS H 7 8.77 -16.45 -8.26
CA HIS H 7 7.55 -16.85 -9.00
C HIS H 7 7.92 -17.57 -10.31
N ARG H 8 7.53 -18.84 -10.41
CA ARG H 8 7.93 -19.68 -11.53
C ARG H 8 6.73 -20.46 -12.06
N HIS H 9 6.43 -20.27 -13.34
CA HIS H 9 5.31 -20.92 -13.91
C HIS H 9 5.83 -21.99 -14.84
N THR H 10 5.43 -23.23 -14.62
CA THR H 10 5.67 -24.32 -15.57
C THR H 10 4.32 -24.96 -15.86
N CYS H 11 4.31 -25.87 -16.82
CA CYS H 11 3.03 -26.54 -17.18
C CYS H 11 3.25 -27.88 -17.84
N LYS H 12 2.21 -28.71 -17.77
CA LYS H 12 2.27 -30.04 -18.37
C LYS H 12 1.10 -30.08 -19.32
N VAL H 13 1.43 -30.31 -20.58
CA VAL H 13 0.39 -30.41 -21.64
C VAL H 13 -0.06 -31.86 -21.61
N MSE H 14 -1.33 -32.06 -21.34
CA MSE H 14 -1.84 -33.44 -21.18
C MSE H 14 -2.57 -33.92 -22.45
O MSE H 14 -2.56 -35.13 -22.74
CB MSE H 14 -2.85 -33.55 -20.04
CG MSE H 14 -2.51 -32.87 -18.72
SE MSE H 14 -1.08 -33.91 -17.95
CE MSE H 14 -1.87 -35.72 -17.82
N VAL H 15 -3.25 -33.00 -23.13
CA VAL H 15 -4.08 -33.30 -24.28
C VAL H 15 -3.79 -32.24 -25.39
N LEU H 16 -3.52 -32.69 -26.58
CA LEU H 16 -3.48 -31.74 -27.71
C LEU H 16 -3.94 -32.48 -28.97
N LYS H 17 -5.19 -32.23 -29.42
CA LYS H 17 -5.83 -33.11 -30.37
C LYS H 17 -6.90 -32.37 -31.08
N GLU H 18 -7.17 -32.78 -32.31
CA GLU H 18 -8.44 -32.37 -32.90
C GLU H 18 -9.50 -33.40 -32.65
N GLU H 19 -10.75 -32.93 -32.61
CA GLU H 19 -11.88 -33.80 -32.33
C GLU H 19 -13.15 -33.15 -32.86
N ALA H 20 -14.26 -33.88 -32.84
CA ALA H 20 -15.56 -33.26 -33.20
C ALA H 20 -15.98 -32.25 -32.14
N ALA H 21 -16.55 -31.16 -32.58
CA ALA H 21 -17.04 -30.19 -31.62
C ALA H 21 -18.04 -30.79 -30.60
N GLY H 22 -18.97 -31.62 -31.06
CA GLY H 22 -20.05 -32.09 -30.17
C GLY H 22 -21.02 -30.96 -29.84
N SER H 23 -22.12 -31.28 -29.14
CA SER H 23 -23.11 -30.27 -28.72
C SER H 23 -22.53 -29.10 -27.97
N GLU H 24 -21.63 -29.39 -27.02
CA GLU H 24 -21.04 -28.33 -26.20
C GLU H 24 -20.31 -27.27 -26.98
N ARG H 25 -19.32 -27.68 -27.77
CA ARG H 25 -18.50 -26.73 -28.49
C ARG H 25 -19.28 -26.18 -29.68
N ALA H 26 -20.18 -26.98 -30.23
CA ALA H 26 -21.01 -26.47 -31.32
C ALA H 26 -21.73 -25.18 -30.87
N LEU H 27 -22.20 -25.12 -29.62
CA LEU H 27 -22.91 -23.95 -29.07
C LEU H 27 -21.94 -22.86 -28.64
N ALA H 28 -20.87 -23.24 -27.95
CA ALA H 28 -19.90 -22.30 -27.48
C ALA H 28 -19.27 -21.55 -28.69
N LEU H 29 -19.04 -22.29 -29.80
CA LEU H 29 -18.20 -21.78 -30.88
C LEU H 29 -19.01 -21.48 -32.17
N ASP H 30 -20.30 -21.73 -32.11
CA ASP H 30 -21.21 -21.42 -33.21
C ASP H 30 -20.87 -22.26 -34.40
N MSE H 31 -20.90 -23.59 -34.24
CA MSE H 31 -20.51 -24.48 -35.36
C MSE H 31 -21.31 -25.76 -35.37
O MSE H 31 -22.13 -25.95 -34.49
CB MSE H 31 -19.02 -24.79 -35.29
CG MSE H 31 -18.58 -25.21 -33.99
SE MSE H 31 -16.60 -25.40 -34.02
CE MSE H 31 -16.05 -23.68 -34.78
N ARG H 32 -21.10 -26.64 -36.34
CA ARG H 32 -21.83 -27.89 -36.39
C ARG H 32 -21.18 -28.90 -35.42
N GLU H 33 -22.00 -29.78 -34.84
CA GLU H 33 -21.42 -30.78 -33.91
C GLU H 33 -20.36 -31.63 -34.58
N GLY H 34 -20.42 -31.77 -35.89
CA GLY H 34 -19.50 -32.65 -36.60
C GLY H 34 -18.23 -31.96 -37.07
N GLN H 35 -18.17 -30.65 -36.96
CA GLN H 35 -16.99 -29.90 -37.45
C GLN H 35 -15.87 -30.03 -36.46
N ARG H 36 -14.63 -29.94 -36.96
CA ARG H 36 -13.46 -30.33 -36.13
C ARG H 36 -12.99 -29.12 -35.34
N VAL H 37 -12.67 -29.34 -34.08
CA VAL H 37 -12.14 -28.27 -33.25
C VAL H 37 -10.82 -28.74 -32.67
N PHE H 38 -10.01 -27.84 -32.14
CA PHE H 38 -8.73 -28.20 -31.53
C PHE H 38 -8.94 -28.11 -30.00
N HIS H 39 -8.30 -29.01 -29.28
CA HIS H 39 -8.55 -29.09 -27.83
C HIS H 39 -7.23 -29.28 -27.20
N SER H 40 -6.92 -28.45 -26.20
CA SER H 40 -5.74 -28.64 -25.39
C SER H 40 -6.22 -28.77 -23.89
N LEU H 41 -5.58 -29.65 -23.15
CA LEU H 41 -5.73 -29.69 -21.73
C LEU H 41 -4.34 -29.51 -21.10
N ILE H 42 -4.18 -28.47 -20.30
CA ILE H 42 -2.86 -28.13 -19.72
C ILE H 42 -2.98 -27.94 -18.19
N VAL H 43 -2.10 -28.56 -17.39
CA VAL H 43 -1.98 -28.25 -15.92
C VAL H 43 -0.87 -27.25 -15.75
N HIS H 44 -1.22 -26.10 -15.29
CA HIS H 44 -0.34 -25.00 -14.92
C HIS H 44 0.11 -25.07 -13.42
N PHE H 45 1.39 -24.83 -13.14
CA PHE H 45 1.94 -24.98 -11.80
C PHE H 45 2.57 -23.61 -11.48
N GLU H 46 2.55 -23.23 -10.22
CA GLU H 46 3.32 -22.12 -9.74
C GLU H 46 4.27 -22.67 -8.67
N ASN H 47 5.58 -22.51 -8.91
CA ASN H 47 6.59 -23.06 -8.02
C ASN H 47 6.30 -24.53 -7.74
N ASP H 48 6.04 -25.28 -8.82
CA ASP H 48 5.84 -26.72 -8.73
C ASP H 48 4.53 -27.21 -8.09
N ILE H 49 3.61 -26.31 -7.75
CA ILE H 49 2.34 -26.70 -7.17
C ILE H 49 1.26 -26.42 -8.19
N PRO H 50 0.38 -27.42 -8.47
CA PRO H 50 -0.69 -27.18 -9.44
C PRO H 50 -1.66 -26.02 -9.02
N VAL H 51 -1.93 -25.11 -9.95
CA VAL H 51 -2.80 -23.98 -9.70
C VAL H 51 -3.96 -23.90 -10.65
N GLN H 52 -3.87 -24.56 -11.84
CA GLN H 52 -5.02 -24.44 -12.79
C GLN H 52 -5.07 -25.63 -13.72
N ILE H 53 -6.25 -26.21 -14.01
CA ILE H 53 -6.37 -27.10 -15.15
C ILE H 53 -6.99 -26.23 -16.23
N GLU H 54 -6.31 -26.07 -17.36
CA GLU H 54 -6.96 -25.24 -18.42
C GLU H 54 -7.47 -26.15 -19.54
N ASP H 55 -8.79 -26.26 -19.70
CA ASP H 55 -9.33 -27.20 -20.65
C ASP H 55 -9.87 -26.30 -21.77
N ARG H 56 -9.17 -26.24 -22.91
CA ARG H 56 -9.46 -25.20 -23.91
C ARG H 56 -9.73 -25.75 -25.31
N PHE H 57 -10.75 -25.18 -25.99
CA PHE H 57 -11.15 -25.53 -27.32
C PHE H 57 -11.00 -24.34 -28.26
N VAL H 58 -10.51 -24.58 -29.49
CA VAL H 58 -10.16 -23.55 -30.44
C VAL H 58 -10.74 -23.92 -31.82
N ASN H 59 -11.25 -22.91 -32.45
CA ASN H 59 -11.79 -22.93 -33.78
C ASN H 59 -10.66 -23.18 -34.68
N ALA H 60 -10.67 -24.35 -35.31
CA ALA H 60 -9.59 -24.75 -36.24
C ALA H 60 -9.42 -23.83 -37.45
N GLN H 61 -10.49 -23.13 -37.86
CA GLN H 61 -10.41 -22.13 -38.93
C GLN H 61 -9.61 -20.90 -38.54
N VAL H 62 -9.77 -20.42 -37.31
CA VAL H 62 -9.15 -19.12 -36.88
C VAL H 62 -7.64 -19.33 -36.65
N ALA H 63 -7.32 -20.50 -36.04
CA ALA H 63 -5.94 -20.75 -35.59
C ALA H 63 -5.50 -22.10 -36.13
N PRO H 64 -5.24 -22.15 -37.43
CA PRO H 64 -5.00 -23.46 -38.00
C PRO H 64 -3.79 -24.19 -37.45
N ASP H 65 -2.81 -23.45 -36.92
CA ASP H 65 -1.55 -24.00 -36.41
C ASP H 65 -1.55 -24.08 -34.88
N TYR H 66 -2.72 -24.00 -34.27
CA TYR H 66 -2.82 -24.13 -32.81
C TYR H 66 -2.08 -25.39 -32.26
N LEU H 67 -2.32 -26.52 -32.88
CA LEU H 67 -1.79 -27.74 -32.34
C LEU H 67 -0.29 -27.99 -32.63
N LYS H 68 0.32 -27.08 -33.41
CA LYS H 68 1.73 -27.08 -33.79
C LYS H 68 2.58 -26.40 -32.75
N GLN H 69 1.95 -25.74 -31.77
CA GLN H 69 2.68 -24.91 -30.80
C GLN H 69 3.21 -25.73 -29.62
N ASP H 70 4.30 -25.26 -29.00
CA ASP H 70 4.82 -25.87 -27.79
C ASP H 70 4.43 -24.99 -26.61
N PHE H 71 3.42 -25.44 -25.88
CA PHE H 71 2.80 -24.54 -24.86
C PHE H 71 3.57 -24.49 -23.54
N THR H 72 4.70 -25.19 -23.48
CA THR H 72 5.64 -24.99 -22.36
C THR H 72 6.39 -23.67 -22.56
N LEU H 73 6.34 -23.12 -23.76
CA LEU H 73 7.07 -21.87 -24.06
C LEU H 73 6.13 -20.66 -23.95
N GLN H 74 4.85 -20.89 -24.19
CA GLN H 74 3.90 -19.82 -24.40
C GLN H 74 2.51 -20.33 -23.98
N THR H 75 1.69 -19.50 -23.35
CA THR H 75 0.34 -19.97 -23.04
C THR H 75 -0.50 -20.05 -24.35
N PRO H 76 -1.52 -20.92 -24.41
CA PRO H 76 -2.48 -20.91 -25.50
C PRO H 76 -3.12 -19.49 -25.73
N TYR H 77 -3.53 -18.79 -24.67
CA TYR H 77 -4.20 -17.53 -24.86
C TYR H 77 -3.21 -16.52 -25.40
N ALA H 78 -1.95 -16.61 -24.97
CA ALA H 78 -0.94 -15.65 -25.40
C ALA H 78 -0.70 -15.86 -26.87
N TYR H 79 -0.57 -17.13 -27.30
CA TYR H 79 -0.46 -17.44 -28.71
C TYR H 79 -1.63 -16.95 -29.53
N LEU H 80 -2.83 -17.41 -29.18
CA LEU H 80 -4.06 -17.02 -29.83
C LEU H 80 -4.21 -15.46 -30.00
N SER H 81 -3.81 -14.67 -29.01
CA SER H 81 -3.86 -13.20 -29.09
C SER H 81 -2.84 -12.63 -30.12
N GLN H 82 -1.93 -13.52 -30.52
CA GLN H 82 -0.97 -13.25 -31.59
C GLN H 82 -1.55 -13.68 -32.92
N VAL H 83 -2.45 -14.64 -32.95
CA VAL H 83 -2.94 -15.05 -34.29
C VAL H 83 -4.11 -14.23 -34.80
N ALA H 84 -4.86 -13.70 -33.85
CA ALA H 84 -6.06 -12.93 -34.14
C ALA H 84 -6.34 -11.86 -33.07
N PRO H 85 -6.97 -10.75 -33.49
CA PRO H 85 -7.27 -9.74 -32.48
C PRO H 85 -8.39 -10.20 -31.58
N LEU H 86 -8.15 -10.31 -30.30
CA LEU H 86 -9.21 -10.79 -29.41
C LEU H 86 -9.92 -9.57 -28.85
N THR H 87 -11.22 -9.44 -29.12
CA THR H 87 -11.97 -8.18 -28.90
C THR H 87 -13.00 -8.18 -27.79
N GLU H 88 -13.40 -9.36 -27.34
CA GLU H 88 -14.51 -9.47 -26.37
C GLU H 88 -14.45 -10.80 -25.63
N GLY H 89 -14.71 -10.80 -24.34
CA GLY H 89 -14.76 -12.09 -23.64
C GLY H 89 -16.01 -12.19 -22.83
N GLU H 90 -16.35 -13.43 -22.48
CA GLU H 90 -17.50 -13.71 -21.66
C GLU H 90 -16.93 -14.57 -20.51
N HIS H 91 -17.50 -14.49 -19.31
CA HIS H 91 -17.07 -15.31 -18.18
C HIS H 91 -18.27 -15.80 -17.32
N VAL H 92 -18.21 -17.02 -16.83
CA VAL H 92 -19.12 -17.51 -15.84
C VAL H 92 -18.24 -18.08 -14.74
N VAL H 93 -18.41 -17.54 -13.53
CA VAL H 93 -17.56 -17.94 -12.38
C VAL H 93 -18.42 -18.57 -11.29
N GLU H 94 -17.94 -19.74 -10.82
CA GLU H 94 -18.70 -20.53 -9.87
C GLU H 94 -17.77 -21.13 -8.88
N ALA H 95 -18.31 -21.50 -7.72
CA ALA H 95 -17.51 -22.32 -6.76
C ALA H 95 -18.10 -23.74 -6.76
N ILE H 96 -17.22 -24.73 -6.92
CA ILE H 96 -17.67 -26.13 -7.07
C ILE H 96 -16.63 -27.08 -6.40
N LEU H 97 -16.93 -28.36 -6.30
CA LEU H 97 -15.97 -29.39 -5.96
C LEU H 97 -15.52 -29.99 -7.30
N ALA H 98 -14.20 -30.21 -7.46
CA ALA H 98 -13.65 -30.86 -8.68
C ALA H 98 -14.05 -32.37 -8.68
N GLU H 99 -13.97 -33.00 -9.85
CA GLU H 99 -14.20 -34.44 -10.04
C GLU H 99 -12.95 -35.12 -9.53
N ALA H 100 -13.07 -36.42 -9.26
CA ALA H 100 -11.94 -37.15 -8.72
C ALA H 100 -10.67 -37.02 -9.59
N ASP H 101 -10.82 -37.10 -10.91
CA ASP H 101 -9.63 -37.04 -11.76
C ASP H 101 -8.98 -35.65 -11.77
N GLU H 102 -9.82 -34.62 -11.69
CA GLU H 102 -9.31 -33.23 -11.57
C GLU H 102 -8.56 -33.03 -10.24
N CYS H 103 -9.03 -33.70 -9.16
CA CYS H 103 -8.36 -33.55 -7.84
C CYS H 103 -7.00 -34.18 -7.91
N LYS H 104 -6.88 -35.24 -8.67
CA LYS H 104 -5.62 -35.92 -8.83
C LYS H 104 -4.62 -35.05 -9.55
N LEU H 105 -5.06 -34.43 -10.65
CA LEU H 105 -4.21 -33.56 -11.46
C LEU H 105 -3.77 -32.32 -10.66
N LEU H 106 -4.70 -31.79 -9.86
CA LEU H 106 -4.43 -30.58 -9.14
C LEU H 106 -3.75 -30.81 -7.81
N GLN H 107 -3.58 -32.07 -7.43
CA GLN H 107 -3.06 -32.41 -6.08
C GLN H 107 -3.80 -31.70 -4.92
N ILE H 108 -5.12 -31.85 -4.88
CA ILE H 108 -6.01 -31.22 -3.87
C ILE H 108 -6.89 -32.21 -3.15
N ASP H 109 -7.26 -31.86 -1.91
CA ASP H 109 -8.29 -32.64 -1.21
C ASP H 109 -9.60 -32.80 -2.03
N ALA H 110 -10.37 -33.89 -1.84
CA ALA H 110 -11.63 -34.03 -2.60
C ALA H 110 -12.63 -32.92 -2.27
N GLY H 111 -12.64 -32.48 -1.03
CA GLY H 111 -13.57 -31.40 -0.65
C GLY H 111 -13.00 -29.99 -0.70
N GLU H 112 -11.87 -29.81 -1.40
CA GLU H 112 -11.29 -28.45 -1.61
C GLU H 112 -12.26 -27.69 -2.49
N PRO H 113 -12.77 -26.51 -2.04
CA PRO H 113 -13.64 -25.74 -2.90
C PRO H 113 -12.78 -25.18 -4.03
N CYS H 114 -13.30 -25.24 -5.26
CA CYS H 114 -12.55 -24.81 -6.40
C CYS H 114 -13.26 -23.68 -7.13
N LEU H 115 -12.47 -22.75 -7.67
CA LEU H 115 -12.96 -21.68 -8.48
C LEU H 115 -13.02 -22.18 -9.93
N LEU H 116 -14.23 -22.30 -10.47
CA LEU H 116 -14.43 -22.71 -11.86
C LEU H 116 -14.73 -21.46 -12.72
N ILE H 117 -13.96 -21.27 -13.80
CA ILE H 117 -14.13 -20.09 -14.68
C ILE H 117 -14.31 -20.62 -16.11
N ARG H 118 -15.48 -20.37 -16.68
CA ARG H 118 -15.71 -20.79 -18.04
C ARG H 118 -15.64 -19.51 -18.88
N ARG H 119 -14.81 -19.52 -19.90
CA ARG H 119 -14.71 -18.37 -20.70
C ARG H 119 -14.93 -18.64 -22.15
N ARG H 120 -15.38 -17.64 -22.86
CA ARG H 120 -15.36 -17.65 -24.35
C ARG H 120 -14.78 -16.34 -24.81
N THR H 121 -13.94 -16.34 -25.87
CA THR H 121 -13.33 -15.13 -26.37
C THR H 121 -13.64 -15.05 -27.84
N TRP H 122 -13.92 -13.81 -28.29
CA TRP H 122 -14.32 -13.49 -29.65
C TRP H 122 -13.28 -12.69 -30.36
N SER H 123 -13.24 -12.88 -31.69
CA SER H 123 -12.49 -11.99 -32.55
C SER H 123 -13.47 -11.30 -33.49
N GLY H 124 -13.95 -10.08 -33.14
CA GLY H 124 -15.07 -9.51 -33.84
C GLY H 124 -16.32 -10.29 -33.48
N ARG H 125 -17.06 -10.81 -34.47
CA ARG H 125 -18.25 -11.58 -34.11
C ARG H 125 -18.00 -13.08 -34.14
N GLN H 126 -16.75 -13.46 -34.33
CA GLN H 126 -16.40 -14.87 -34.45
C GLN H 126 -15.81 -15.30 -33.12
N PRO H 127 -16.42 -16.33 -32.51
CA PRO H 127 -15.86 -17.06 -31.34
C PRO H 127 -14.60 -17.80 -31.70
N VAL H 128 -13.51 -17.44 -31.05
CA VAL H 128 -12.23 -18.09 -31.34
C VAL H 128 -12.01 -19.31 -30.44
N THR H 129 -12.36 -19.19 -29.17
CA THR H 129 -11.95 -20.22 -28.23
C THR H 129 -12.93 -20.27 -27.05
N ALA H 130 -13.05 -21.44 -26.43
CA ALA H 130 -13.78 -21.45 -25.17
C ALA H 130 -12.94 -22.25 -24.26
N ALA H 131 -12.95 -21.91 -22.96
CA ALA H 131 -12.09 -22.66 -22.03
C ALA H 131 -12.81 -22.95 -20.73
N ARG H 132 -12.40 -24.02 -20.07
CA ARG H 132 -12.95 -24.33 -18.73
C ARG H 132 -11.75 -24.34 -17.84
N LEU H 133 -11.69 -23.39 -16.89
CA LEU H 133 -10.51 -23.25 -16.02
C LEU H 133 -10.92 -23.53 -14.58
N ILE H 134 -10.34 -24.55 -14.00
CA ILE H 134 -10.65 -24.88 -12.62
C ILE H 134 -9.38 -24.62 -11.77
N HIS H 135 -9.55 -23.95 -10.62
CA HIS H 135 -8.42 -23.55 -9.73
C HIS H 135 -8.73 -24.07 -8.37
N PRO H 136 -7.74 -24.61 -7.67
CA PRO H 136 -8.02 -24.86 -6.25
C PRO H 136 -8.27 -23.53 -5.56
N GLY H 137 -9.28 -23.45 -4.69
CA GLY H 137 -9.75 -22.18 -4.15
C GLY H 137 -8.71 -21.65 -3.19
N SER H 138 -7.86 -22.52 -2.64
CA SER H 138 -6.73 -22.06 -1.75
C SER H 138 -5.52 -21.51 -2.52
N ARG H 139 -5.60 -21.60 -3.84
CA ARG H 139 -4.38 -21.32 -4.58
C ARG H 139 -4.53 -20.25 -5.67
N HIS H 140 -5.76 -19.80 -5.91
CA HIS H 140 -6.00 -18.73 -6.92
C HIS H 140 -7.26 -17.93 -6.54
N ARG H 141 -7.20 -16.60 -6.63
CA ARG H 141 -8.44 -15.79 -6.49
C ARG H 141 -8.46 -14.65 -7.49
N LEU H 142 -9.63 -14.06 -7.77
CA LEU H 142 -9.65 -12.94 -8.64
C LEU H 142 -9.63 -11.71 -7.79
N GLU H 143 -8.79 -10.70 -8.08
CA GLU H 143 -8.78 -9.43 -7.32
C GLU H 143 -8.83 -8.24 -8.26
N GLY H 144 -9.53 -7.19 -7.88
CA GLY H 144 -9.45 -5.90 -8.62
C GLY H 144 -9.85 -4.76 -7.76
N ARG H 145 -9.32 -3.57 -8.04
CA ARG H 145 -9.61 -2.41 -7.32
C ARG H 145 -9.65 -1.34 -8.41
N PHE H 146 -10.65 -0.46 -8.36
CA PHE H 146 -10.95 0.44 -9.52
C PHE H 146 -11.69 1.64 -9.02
N THR H 147 -11.43 2.81 -9.60
CA THR H 147 -12.20 3.99 -9.33
C THR H 147 -13.63 3.79 -9.93
N LYS H 148 -14.61 4.43 -9.31
CA LYS H 148 -16.03 4.35 -9.71
C LYS H 148 -16.36 5.68 -10.42
C1 EDO I . 21.29 21.43 8.00
O1 EDO I . 19.90 21.56 7.70
C2 EDO I . 21.93 20.44 7.02
O2 EDO I . 23.00 19.70 7.65
C1 EDO J . 17.58 28.35 9.71
O1 EDO J . 16.41 28.49 10.53
C2 EDO J . 17.09 28.22 8.27
O2 EDO J . 17.60 27.00 7.74
C1 EDO K . 19.48 30.49 -9.96
O1 EDO K . 19.29 31.19 -8.68
C2 EDO K . 20.83 30.75 -10.62
O2 EDO K . 20.70 30.72 -12.05
C1 EDO L . 24.52 10.33 -11.26
O1 EDO L . 23.49 9.34 -11.03
C2 EDO L . 25.22 10.19 -12.60
O2 EDO L . 24.46 10.89 -13.58
C1 EDO M . 13.40 32.88 -4.52
O1 EDO M . 13.45 33.15 -3.11
C2 EDO M . 14.66 32.17 -4.98
O2 EDO M . 14.88 32.32 -6.39
C1 EDO N . 22.79 -9.38 9.52
O1 EDO N . 22.23 -10.42 8.74
C2 EDO N . 24.11 -8.97 8.84
O2 EDO N . 24.79 -7.99 9.67
C1 EDO O . 43.15 -7.52 11.96
O1 EDO O . 41.96 -6.74 12.24
C2 EDO O . 42.87 -8.65 10.95
O2 EDO O . 42.58 -8.18 9.60
C1 EDO P . 26.11 -8.99 -9.50
O1 EDO P . 26.12 -8.09 -10.62
C2 EDO P . 27.18 -10.07 -9.59
O2 EDO P . 26.65 -11.39 -9.20
C1 EDO Q . 26.77 0.89 -10.17
O1 EDO Q . 26.08 -0.16 -10.91
C2 EDO Q . 27.52 1.84 -11.13
O2 EDO Q . 28.37 2.83 -10.45
C1 EDO R . 34.05 -3.98 28.55
O1 EDO R . 33.86 -4.09 27.09
C2 EDO R . 35.00 -2.81 28.88
O2 EDO R . 34.76 -1.82 29.97
C1 EDO S . 18.56 -19.40 4.99
O1 EDO S . 18.13 -18.67 6.16
C2 EDO S . 17.43 -19.61 3.97
O2 EDO S . 17.42 -18.53 3.01
C1 EDO T . 19.01 9.14 30.27
O1 EDO T . 18.82 9.23 31.68
C2 EDO T . 19.04 10.53 29.66
O2 EDO T . 20.32 11.12 29.91
C1 EDO U . -0.04 -27.78 22.73
O1 EDO U . -0.88 -28.17 23.81
C2 EDO U . 1.33 -27.42 23.27
O2 EDO U . 2.35 -28.19 22.61
C1 EDO V . 10.78 -24.10 8.81
O1 EDO V . 10.03 -24.81 9.77
C2 EDO V . 12.17 -24.63 8.54
O2 EDO V . 12.32 -24.86 7.12
C1 EDO W . 4.65 17.15 21.19
O1 EDO W . 4.52 15.80 21.67
C2 EDO W . 4.45 17.30 19.67
O2 EDO W . 5.66 17.00 18.96
C1 EDO X . 9.54 10.73 32.66
O1 EDO X . 8.44 11.67 32.68
C2 EDO X . 9.55 9.93 31.36
O2 EDO X . 10.31 8.73 31.56
C1 EDO Y . -16.69 6.17 23.29
O1 EDO Y . -17.18 5.04 24.05
C2 EDO Y . -15.17 6.17 23.44
O2 EDO Y . -14.81 6.10 24.85
C1 EDO Z . 3.61 23.83 -19.09
O1 EDO Z . 3.02 24.84 -18.25
C2 EDO Z . 2.55 22.72 -19.30
O2 EDO Z . 2.73 21.58 -18.43
C1 EDO AA . 6.32 -19.53 -19.13
O1 EDO AA . 5.23 -19.17 -19.99
C2 EDO AA . 7.05 -18.28 -18.64
O2 EDO AA . 8.24 -18.67 -17.94
C1 EDO BA . -10.56 10.53 -30.88
O1 EDO BA . -11.45 10.16 -31.94
C2 EDO BA . -11.19 11.69 -30.12
O2 EDO BA . -11.66 12.67 -31.06
C1 EDO CA . 17.13 1.81 -31.32
O1 EDO CA . 17.50 0.49 -31.79
C2 EDO CA . 17.88 2.98 -31.98
O2 EDO CA . 18.69 3.50 -30.93
C1 EDO DA . 16.71 -4.93 -34.67
O1 EDO DA . 17.06 -5.79 -35.76
C2 EDO DA . 17.78 -5.02 -33.60
O2 EDO DA . 17.71 -6.34 -33.05
C1 EDO EA . -25.98 -3.04 -27.23
O1 EDO EA . -26.09 -3.31 -25.85
C2 EDO EA . -24.89 -1.99 -27.47
O2 EDO EA . -24.88 -1.73 -28.86
C1 EDO FA . -32.39 22.40 -10.73
O1 EDO FA . -33.55 22.21 -9.90
C2 EDO FA . -32.14 23.88 -11.02
O2 EDO FA . -32.70 24.21 -12.30
C1 EDO GA . -7.04 24.96 -14.71
O1 EDO GA . -6.57 24.09 -15.72
C2 EDO GA . -6.34 24.55 -13.44
O2 EDO GA . -5.72 25.75 -12.91
C1 EDO HA . -23.86 -16.77 -19.51
O1 EDO HA . -24.34 -17.09 -20.83
C2 EDO HA . -22.73 -15.75 -19.67
O2 EDO HA . -23.35 -14.49 -19.92
C1 EDO IA . -29.59 -10.79 -3.85
O1 EDO IA . -30.75 -11.09 -4.63
C2 EDO IA . -29.04 -9.43 -4.23
O2 EDO IA . -28.01 -9.11 -3.28
C1 EDO JA . -18.15 -34.18 -6.55
O1 EDO JA . -18.88 -33.30 -7.41
C2 EDO JA . -17.30 -35.09 -7.41
O2 EDO JA . -17.15 -36.37 -6.78
C1 EDO KA . -20.76 -20.72 -20.21
O1 EDO KA . -22.18 -20.61 -20.01
C2 EDO KA . -20.22 -19.54 -21.01
O2 EDO KA . -18.76 -19.41 -21.11
C1 EDO LA . -0.24 -29.71 -1.97
O1 EDO LA . 0.33 -28.42 -1.72
C2 EDO LA . 0.73 -30.58 -2.76
O2 EDO LA . 1.57 -29.77 -3.59
C1 EDO MA . -9.87 -28.96 2.02
O1 EDO MA . -11.29 -28.68 2.20
C2 EDO MA . -8.99 -27.76 2.31
O2 EDO MA . -7.66 -27.92 1.79
C1 EDO NA . -12.35 -9.14 -36.49
O1 EDO NA . -12.72 -9.88 -37.65
C2 EDO NA . -11.05 -8.40 -36.78
O2 EDO NA . -10.81 -7.47 -35.71
#